data_1UOP
#
_entry.id   1UOP
#
_cell.length_a   70.700
_cell.length_b   99.300
_cell.length_c   110.700
_cell.angle_alpha   90.00
_cell.angle_beta   90.00
_cell.angle_gamma   90.00
#
_symmetry.space_group_name_H-M   'P 21 21 21'
#
loop_
_entity.id
_entity.type
_entity.pdbx_description
1 polymer 'PROLYL ENDOPEPTIDASE'
2 polymer 'PEPTIDE LIGAND GLY-PHE-GLU-PRO'
3 non-polymer GLYCEROL
4 water water
#
loop_
_entity_poly.entity_id
_entity_poly.type
_entity_poly.pdbx_seq_one_letter_code
_entity_poly.pdbx_strand_id
1 'polypeptide(L)'
;MLSFQYPDVYRDETAIQDYHGHKVCDPYAWLEDPDSEQTKAFVEAQNKITVPFLEQCPIRGLYKERMTELYDYPKYSCHF
KKGKRYFYFYNTGLQNQRVLYVQDSLEGEARVFLDPNILSDDGTVALRGYAFSEDGEYFAYGLSASGSDWVTIKFMKVDG
AKELPDVLERVKFSCMAWTHDGKGMFYNAYPQQDGKSDGTETSTNLHQKLYYHVLGTDQSEDILCAEFPDEPKWMGGAEL
SDDGRYVLLSIREGCDPVNRLWYCDLQQESNGITGILKWVKLIDNFEGEYDYVTNEGTVFTFKTNRHSPNYRLINIDFTD
PEESKWKVLVPEHEKDVLEWVACVRSNFLVLCYLHDVKNTLQLHDLATGALLKIFPLEVGSVVGYSGQKKDTEIFYQFTS
FLSPGIIYHCDLTKEELEPRVFREVTVKGIDASDYQTVQIFYPSKDGTKIPMFIVHKKGIKLDGSHPAFLYGYGGFNISI
TPNYSVSRLIFVRHMGGVLAVANIRGGGEYGETWHKGGILANKQNCFDDFQCAAEYLIKEGYTSPKRLTINGGANGGLLV
ATCANQRPDLFGCVIAQVGVMDMLKFHKYTIGHAWTTDYGCSDSKQHFEWLIKYSPLHNVKLPEADDIQYPSMLLLTADH
DDRVVPLHSLKFIATLQYIVGRSRKQNNPLLIHVDTKAGHGAGKPTAKVIEEVSDMFAFIARCLNIDWIP
;
A
2 'polypeptide(L)' GFEP B
#
# COMPACT_ATOMS: atom_id res chain seq x y z
N MET A 1 -25.64 27.09 0.28
CA MET A 1 -25.21 25.69 0.55
C MET A 1 -24.10 25.65 1.61
N LEU A 2 -23.23 26.66 1.60
CA LEU A 2 -22.13 26.75 2.55
C LEU A 2 -22.49 27.66 3.73
N SER A 3 -22.91 27.03 4.83
CA SER A 3 -23.44 27.73 5.99
C SER A 3 -22.46 27.74 7.16
N PHE A 4 -21.17 27.79 6.83
CA PHE A 4 -20.12 27.83 7.83
C PHE A 4 -19.06 28.83 7.37
N GLN A 5 -18.15 29.19 8.26
CA GLN A 5 -17.02 30.05 7.93
C GLN A 5 -15.74 29.24 8.05
N TYR A 6 -14.79 29.46 7.13
CA TYR A 6 -13.47 28.84 7.28
C TYR A 6 -12.77 29.47 8.48
N PRO A 7 -12.02 28.65 9.22
CA PRO A 7 -11.30 29.13 10.40
C PRO A 7 -10.27 30.18 10.06
N ASP A 8 -9.99 31.05 11.04
CA ASP A 8 -8.85 31.96 11.00
C ASP A 8 -7.58 31.13 11.03
N VAL A 9 -6.68 31.42 10.10
CA VAL A 9 -5.42 30.70 10.02
C VAL A 9 -4.32 31.72 9.75
N TYR A 10 -3.42 31.88 10.70
CA TYR A 10 -2.32 32.84 10.57
C TYR A 10 -1.39 32.52 9.41
N ARG A 11 -1.03 33.55 8.66
CA ARG A 11 -0.07 33.45 7.56
C ARG A 11 1.24 34.07 8.00
N ASP A 12 2.29 33.26 8.05
CA ASP A 12 3.62 33.79 8.33
C ASP A 12 4.25 34.25 7.02
N GLU A 13 4.02 35.52 6.69
CA GLU A 13 4.51 36.08 5.41
C GLU A 13 6.05 36.25 5.36
N THR A 14 6.71 36.05 6.50
CA THR A 14 8.17 36.13 6.54
C THR A 14 8.82 34.80 6.17
N ALA A 15 8.02 33.74 6.11
CA ALA A 15 8.55 32.40 5.88
C ALA A 15 8.86 32.21 4.40
N ILE A 16 10.07 32.66 4.01
CA ILE A 16 10.49 32.66 2.62
C ILE A 16 11.80 31.89 2.51
N GLN A 17 11.83 30.94 1.57
CA GLN A 17 12.99 30.10 1.35
C GLN A 17 13.45 30.22 -0.10
N ASP A 18 14.76 30.24 -0.29
CA ASP A 18 15.33 30.28 -1.63
C ASP A 18 15.66 28.88 -2.09
N TYR A 19 15.03 28.47 -3.19
CA TYR A 19 15.34 27.20 -3.84
C TYR A 19 16.01 27.53 -5.16
N HIS A 20 17.35 27.44 -5.19
CA HIS A 20 18.12 27.63 -6.43
C HIS A 20 17.76 28.92 -7.18
N GLY A 21 17.51 29.99 -6.42
CA GLY A 21 17.16 31.29 -6.98
C GLY A 21 15.67 31.61 -6.98
N HIS A 22 14.85 30.58 -6.85
CA HIS A 22 13.39 30.72 -6.88
C HIS A 22 12.91 30.87 -5.43
N LYS A 23 12.30 32.01 -5.12
CA LYS A 23 11.81 32.28 -3.77
C LYS A 23 10.46 31.62 -3.54
N VAL A 24 10.34 30.86 -2.45
CA VAL A 24 9.10 30.19 -2.12
C VAL A 24 8.60 30.63 -0.75
N CYS A 25 7.38 31.17 -0.68
CA CYS A 25 6.79 31.51 0.61
C CYS A 25 6.01 30.32 1.12
N ASP A 26 6.19 30.02 2.40
CA ASP A 26 5.50 28.92 3.04
C ASP A 26 4.81 29.44 4.31
N PRO A 27 3.73 30.21 4.13
CA PRO A 27 3.09 30.92 5.25
C PRO A 27 2.47 30.02 6.32
N TYR A 28 2.26 28.74 5.99
CA TYR A 28 1.69 27.80 6.94
C TYR A 28 2.72 26.78 7.42
N ALA A 29 4.01 27.13 7.35
CA ALA A 29 5.09 26.23 7.79
C ALA A 29 4.92 25.84 9.25
N TRP A 30 4.35 26.75 10.04
CA TRP A 30 4.05 26.47 11.44
C TRP A 30 3.14 25.25 11.67
N LEU A 31 2.36 24.87 10.66
CA LEU A 31 1.53 23.66 10.77
C LEU A 31 2.36 22.36 10.74
N GLU A 32 3.67 22.49 10.49
CA GLU A 32 4.58 21.36 10.51
C GLU A 32 4.84 20.82 11.92
N ASP A 33 4.56 21.63 12.94
CA ASP A 33 4.70 21.20 14.32
C ASP A 33 3.36 20.65 14.84
N PRO A 34 3.24 19.33 14.94
CA PRO A 34 1.98 18.72 15.35
C PRO A 34 1.64 18.99 16.82
N ASP A 35 2.64 19.34 17.61
CA ASP A 35 2.45 19.43 19.06
C ASP A 35 2.09 20.81 19.56
N SER A 36 2.15 21.80 18.68
CA SER A 36 1.90 23.17 19.12
C SER A 36 0.42 23.40 19.39
N GLU A 37 0.13 24.35 20.28
CA GLU A 37 -1.25 24.76 20.56
C GLU A 37 -1.93 25.30 19.31
N GLN A 38 -1.14 26.00 18.49
CA GLN A 38 -1.58 26.57 17.23
C GLN A 38 -2.08 25.50 16.24
N THR A 39 -1.29 24.43 16.09
CA THR A 39 -1.66 23.34 15.18
C THR A 39 -2.85 22.57 15.73
N LYS A 40 -2.81 22.27 17.02
CA LYS A 40 -3.93 21.58 17.66
C LYS A 40 -5.23 22.38 17.53
N ALA A 41 -5.16 23.70 17.68
CA ALA A 41 -6.34 24.55 17.51
C ALA A 41 -6.82 24.57 16.05
N PHE A 42 -5.88 24.55 15.10
CA PHE A 42 -6.19 24.53 13.69
C PHE A 42 -6.98 23.27 13.35
N VAL A 43 -6.47 22.12 13.83
CA VAL A 43 -7.12 20.84 13.57
C VAL A 43 -8.54 20.83 14.17
N GLU A 44 -8.67 21.28 15.42
CA GLU A 44 -9.99 21.31 16.08
C GLU A 44 -10.99 22.17 15.33
N ALA A 45 -10.56 23.38 14.92
CA ALA A 45 -11.44 24.28 14.17
C ALA A 45 -11.85 23.71 12.81
N GLN A 46 -10.95 22.98 12.16
CA GLN A 46 -11.27 22.39 10.86
C GLN A 46 -12.28 21.25 11.01
N ASN A 47 -12.03 20.35 11.96
CA ASN A 47 -12.98 19.26 12.22
C ASN A 47 -14.35 19.81 12.62
N LYS A 48 -14.35 20.95 13.32
CA LYS A 48 -15.57 21.57 13.80
C LYS A 48 -16.52 21.99 12.67
N ILE A 49 -15.98 22.28 11.49
CA ILE A 49 -16.84 22.61 10.34
C ILE A 49 -17.10 21.42 9.41
N THR A 50 -16.11 20.53 9.31
CA THR A 50 -16.22 19.37 8.44
C THR A 50 -17.27 18.37 8.91
N VAL A 51 -17.25 18.05 10.20
CA VAL A 51 -18.12 16.99 10.70
C VAL A 51 -19.61 17.33 10.53
N PRO A 52 -20.07 18.50 10.99
CA PRO A 52 -21.48 18.90 10.74
C PRO A 52 -21.83 18.93 9.25
N PHE A 53 -20.89 19.29 8.39
CA PHE A 53 -21.14 19.28 6.96
C PHE A 53 -21.42 17.86 6.43
N LEU A 54 -20.58 16.91 6.86
CA LEU A 54 -20.71 15.52 6.42
C LEU A 54 -21.96 14.85 6.98
N GLU A 55 -22.40 15.28 8.15
CA GLU A 55 -23.48 14.60 8.86
C GLU A 55 -24.86 15.26 8.72
N GLN A 56 -24.92 16.41 8.06
CA GLN A 56 -26.19 17.13 7.88
C GLN A 56 -27.27 16.29 7.17
N CYS A 57 -26.93 15.70 6.04
CA CYS A 57 -27.89 14.92 5.24
C CYS A 57 -28.01 13.47 5.73
N PRO A 58 -29.24 12.98 5.87
CA PRO A 58 -29.48 11.58 6.27
C PRO A 58 -28.78 10.53 5.41
N ILE A 59 -28.28 10.94 4.24
CA ILE A 59 -27.58 10.02 3.35
C ILE A 59 -26.38 9.34 4.03
N ARG A 60 -25.69 10.06 4.91
CA ARG A 60 -24.57 9.46 5.63
C ARG A 60 -25.03 8.27 6.45
N GLY A 61 -26.17 8.42 7.13
CA GLY A 61 -26.74 7.39 7.97
C GLY A 61 -27.23 6.18 7.18
N LEU A 62 -27.86 6.45 6.03
CA LEU A 62 -28.29 5.38 5.13
C LEU A 62 -27.11 4.60 4.56
N TYR A 63 -26.08 5.34 4.13
CA TYR A 63 -24.87 4.71 3.62
C TYR A 63 -24.21 3.88 4.73
N LYS A 64 -24.03 4.47 5.90
CA LYS A 64 -23.38 3.80 7.02
C LYS A 64 -24.11 2.49 7.40
N GLU A 65 -25.44 2.58 7.44
CA GLU A 65 -26.27 1.42 7.75
C GLU A 65 -26.10 0.33 6.67
N ARG A 66 -26.18 0.71 5.40
CA ARG A 66 -26.00 -0.23 4.30
C ARG A 66 -24.59 -0.86 4.29
N MET A 67 -23.58 -0.03 4.52
CA MET A 67 -22.19 -0.50 4.61
C MET A 67 -22.03 -1.50 5.75
N THR A 68 -22.63 -1.19 6.89
CA THR A 68 -22.55 -2.06 8.07
C THR A 68 -23.21 -3.41 7.78
N GLU A 69 -24.35 -3.37 7.09
CA GLU A 69 -25.06 -4.59 6.70
C GLU A 69 -24.28 -5.41 5.66
N LEU A 70 -23.85 -4.76 4.59
CA LEU A 70 -23.23 -5.45 3.46
C LEU A 70 -21.78 -5.88 3.69
N TYR A 71 -21.05 -5.12 4.49
CA TYR A 71 -19.66 -5.44 4.81
C TYR A 71 -19.60 -6.57 5.85
N ASP A 72 -20.76 -6.88 6.45
CA ASP A 72 -20.86 -7.96 7.42
C ASP A 72 -20.93 -9.31 6.72
N TYR A 73 -19.79 -9.76 6.21
CA TYR A 73 -19.66 -11.11 5.64
C TYR A 73 -18.36 -11.73 6.14
N PRO A 74 -18.32 -13.05 6.27
CA PRO A 74 -17.10 -13.72 6.75
C PRO A 74 -15.91 -13.44 5.83
N LYS A 75 -14.76 -13.11 6.44
CA LYS A 75 -13.55 -12.79 5.70
C LYS A 75 -12.41 -13.71 6.15
N TYR A 76 -11.92 -14.52 5.22
CA TYR A 76 -10.85 -15.49 5.50
C TYR A 76 -9.59 -15.16 4.72
N SER A 77 -8.45 -15.43 5.34
CA SER A 77 -7.17 -15.53 4.64
C SER A 77 -6.96 -16.98 4.22
N CYS A 78 -5.98 -17.22 3.34
CA CYS A 78 -5.55 -18.59 3.05
C CYS A 78 -5.11 -19.27 4.32
N HIS A 79 -5.41 -20.57 4.44
CA HIS A 79 -4.74 -21.43 5.40
C HIS A 79 -3.25 -21.45 5.05
N PHE A 80 -2.39 -21.54 6.06
CA PHE A 80 -0.98 -21.82 5.86
C PHE A 80 -0.48 -22.73 6.96
N LYS A 81 0.45 -23.62 6.62
CA LYS A 81 0.94 -24.59 7.58
C LYS A 81 2.27 -24.13 8.15
N LYS A 82 2.41 -24.22 9.46
CA LYS A 82 3.69 -23.98 10.12
C LYS A 82 3.92 -25.11 11.10
N GLY A 83 5.02 -25.84 10.94
CA GLY A 83 5.24 -27.05 11.70
C GLY A 83 4.10 -28.02 11.44
N LYS A 84 3.53 -28.60 12.49
CA LYS A 84 2.43 -29.54 12.32
C LYS A 84 1.03 -28.93 12.43
N ARG A 85 0.95 -27.60 12.38
CA ARG A 85 -0.34 -26.93 12.58
C ARG A 85 -0.71 -26.07 11.39
N TYR A 86 -2.01 -25.84 11.24
CA TYR A 86 -2.51 -24.89 10.26
C TYR A 86 -2.96 -23.61 10.93
N PHE A 87 -2.75 -22.49 10.25
CA PHE A 87 -3.20 -21.19 10.71
C PHE A 87 -3.98 -20.50 9.60
N TYR A 88 -4.88 -19.61 9.98
CA TYR A 88 -5.55 -18.73 9.03
C TYR A 88 -6.10 -17.54 9.78
N PHE A 89 -6.25 -16.43 9.07
CA PHE A 89 -6.92 -15.25 9.62
C PHE A 89 -8.38 -15.28 9.26
N TYR A 90 -9.22 -14.79 10.17
CA TYR A 90 -10.66 -14.83 9.96
C TYR A 90 -11.33 -13.72 10.74
N ASN A 91 -12.25 -13.04 10.07
CA ASN A 91 -13.11 -12.03 10.69
C ASN A 91 -14.54 -12.52 10.47
N THR A 92 -15.32 -12.63 11.54
CA THR A 92 -16.72 -13.08 11.44
C THR A 92 -17.56 -12.15 10.57
N GLY A 93 -17.13 -10.90 10.47
CA GLY A 93 -17.78 -9.94 9.60
C GLY A 93 -17.45 -8.52 9.97
N LEU A 94 -17.71 -8.19 11.23
CA LEU A 94 -17.59 -6.82 11.70
C LEU A 94 -16.60 -6.62 12.84
N GLN A 95 -15.77 -7.63 13.13
CA GLN A 95 -14.76 -7.45 14.15
C GLN A 95 -13.80 -6.36 13.68
N ASN A 96 -13.31 -5.55 14.61
CA ASN A 96 -12.41 -4.45 14.25
C ASN A 96 -11.14 -4.94 13.57
N GLN A 97 -10.63 -6.07 14.07
CA GLN A 97 -9.43 -6.71 13.52
C GLN A 97 -9.70 -8.17 13.28
N ARG A 98 -9.13 -8.71 12.20
CA ARG A 98 -9.21 -10.15 11.95
C ARG A 98 -8.43 -10.92 13.01
N VAL A 99 -8.85 -12.14 13.26
CA VAL A 99 -8.30 -12.96 14.32
C VAL A 99 -7.49 -14.10 13.71
N LEU A 100 -6.35 -14.41 14.33
CA LEU A 100 -5.52 -15.51 13.87
C LEU A 100 -5.94 -16.80 14.57
N TYR A 101 -6.32 -17.81 13.78
CA TYR A 101 -6.73 -19.11 14.29
C TYR A 101 -5.67 -20.18 14.04
N VAL A 102 -5.73 -21.22 14.86
CA VAL A 102 -4.88 -22.40 14.70
C VAL A 102 -5.74 -23.67 14.72
N GLN A 103 -5.33 -24.65 13.92
CA GLN A 103 -5.89 -26.00 14.01
C GLN A 103 -4.78 -27.02 13.82
N ASP A 104 -4.89 -28.15 14.51
CA ASP A 104 -3.84 -29.16 14.50
C ASP A 104 -3.87 -30.03 13.24
N SER A 105 -4.94 -29.92 12.47
CA SER A 105 -5.08 -30.58 11.18
C SER A 105 -6.19 -29.90 10.38
N LEU A 106 -6.20 -30.13 9.06
CA LEU A 106 -7.18 -29.52 8.17
C LEU A 106 -8.63 -29.84 8.55
N GLU A 107 -8.84 -31.03 9.11
CA GLU A 107 -10.17 -31.47 9.55
C GLU A 107 -10.40 -31.18 11.03
N GLY A 108 -9.35 -30.70 11.70
CA GLY A 108 -9.39 -30.44 13.13
C GLY A 108 -10.12 -29.18 13.54
N GLU A 109 -10.64 -29.19 14.76
CA GLU A 109 -11.30 -28.04 15.36
C GLU A 109 -10.31 -26.89 15.51
N ALA A 110 -10.72 -25.70 15.05
CA ALA A 110 -9.89 -24.51 15.15
C ALA A 110 -10.12 -23.79 16.47
N ARG A 111 -9.08 -23.13 16.97
CA ARG A 111 -9.21 -22.27 18.15
C ARG A 111 -8.50 -20.94 17.93
N VAL A 112 -8.91 -19.93 18.70
CA VAL A 112 -8.27 -18.62 18.66
C VAL A 112 -6.81 -18.75 19.05
N PHE A 113 -5.93 -18.22 18.19
CA PHE A 113 -4.51 -18.21 18.52
C PHE A 113 -4.06 -16.81 18.96
N LEU A 114 -4.37 -15.80 18.16
CA LEU A 114 -4.09 -14.40 18.50
C LEU A 114 -5.26 -13.51 18.11
N ASP A 115 -5.86 -12.85 19.11
CA ASP A 115 -7.01 -11.99 18.92
C ASP A 115 -6.64 -10.55 19.26
N PRO A 116 -6.29 -9.74 18.25
CA PRO A 116 -5.89 -8.35 18.49
C PRO A 116 -7.03 -7.51 19.08
N ASN A 117 -8.27 -7.94 18.92
CA ASN A 117 -9.42 -7.15 19.36
C ASN A 117 -9.44 -6.87 20.86
N ILE A 118 -8.89 -7.80 21.64
CA ILE A 118 -8.87 -7.63 23.10
C ILE A 118 -7.75 -6.70 23.58
N LEU A 119 -6.93 -6.21 22.65
CA LEU A 119 -5.79 -5.34 23.00
C LEU A 119 -6.15 -3.84 23.09
N SER A 120 -7.36 -3.50 22.66
CA SER A 120 -7.87 -2.13 22.78
C SER A 120 -9.41 -2.05 22.70
N ASP A 121 -9.99 -1.03 23.31
CA ASP A 121 -11.43 -0.80 23.23
C ASP A 121 -11.93 -0.55 21.81
N ASP A 122 -11.12 0.14 21.03
CA ASP A 122 -11.59 0.66 19.74
C ASP A 122 -10.91 -0.02 18.54
N GLY A 123 -10.21 -1.13 18.79
CA GLY A 123 -9.53 -1.88 17.74
C GLY A 123 -8.35 -1.15 17.08
N THR A 124 -7.71 -0.25 17.80
CA THR A 124 -6.59 0.51 17.22
C THR A 124 -5.20 -0.05 17.54
N VAL A 125 -5.15 -1.24 18.13
CA VAL A 125 -3.92 -2.00 18.18
C VAL A 125 -4.08 -3.09 17.13
N ALA A 126 -3.12 -3.14 16.22
CA ALA A 126 -3.20 -4.05 15.08
C ALA A 126 -1.91 -4.82 14.90
N LEU A 127 -2.05 -6.06 14.41
CA LEU A 127 -0.92 -6.86 14.00
C LEU A 127 -0.24 -6.18 12.81
N ARG A 128 1.08 -6.07 12.86
CA ARG A 128 1.86 -5.58 11.72
C ARG A 128 3.11 -6.43 11.59
N GLY A 129 3.03 -7.47 10.75
CA GLY A 129 4.15 -8.36 10.53
C GLY A 129 4.17 -9.49 11.54
N TYR A 130 4.67 -10.64 11.10
CA TYR A 130 4.87 -11.79 11.98
C TYR A 130 5.80 -12.78 11.33
N ALA A 131 6.36 -13.67 12.14
CA ALA A 131 7.22 -14.74 11.64
C ALA A 131 7.19 -15.90 12.60
N PHE A 132 6.95 -17.09 12.05
CA PHE A 132 7.06 -18.31 12.83
C PHE A 132 8.48 -18.81 12.74
N SER A 133 8.95 -19.44 13.82
CA SER A 133 10.19 -20.21 13.75
C SER A 133 10.04 -21.28 12.66
N GLU A 134 11.18 -21.77 12.17
CA GLU A 134 11.20 -22.74 11.09
C GLU A 134 10.39 -24.00 11.44
N ASP A 135 10.48 -24.42 12.70
CA ASP A 135 9.71 -25.59 13.14
C ASP A 135 8.24 -25.30 13.51
N GLY A 136 7.82 -24.04 13.40
CA GLY A 136 6.45 -23.66 13.68
C GLY A 136 6.06 -23.66 15.16
N GLU A 137 7.04 -23.81 16.06
CA GLU A 137 6.72 -23.89 17.49
C GLU A 137 6.78 -22.57 18.23
N TYR A 138 7.42 -21.57 17.62
CA TYR A 138 7.50 -20.24 18.19
C TYR A 138 7.05 -19.21 17.18
N PHE A 139 6.57 -18.08 17.69
CA PHE A 139 5.86 -17.08 16.89
C PHE A 139 6.27 -15.69 17.37
N ALA A 140 6.72 -14.85 16.44
CA ALA A 140 6.96 -13.45 16.72
C ALA A 140 5.92 -12.63 15.98
N TYR A 141 5.45 -11.55 16.60
CA TYR A 141 4.47 -10.71 15.92
C TYR A 141 4.63 -9.25 16.29
N GLY A 142 4.38 -8.38 15.31
CA GLY A 142 4.51 -6.95 15.50
C GLY A 142 3.15 -6.36 15.85
N LEU A 143 3.14 -5.43 16.77
CA LEU A 143 1.92 -4.68 17.08
C LEU A 143 2.16 -3.19 16.88
N SER A 144 1.22 -2.55 16.18
CA SER A 144 1.27 -1.10 15.98
C SER A 144 0.06 -0.50 16.68
N ALA A 145 0.27 0.62 17.35
CA ALA A 145 -0.83 1.31 18.03
C ALA A 145 -1.23 2.55 17.25
N SER A 146 -2.55 2.76 17.16
CA SER A 146 -3.13 3.97 16.58
C SER A 146 -2.74 4.21 15.11
N GLY A 147 -2.41 3.13 14.40
CA GLY A 147 -2.09 3.24 12.99
C GLY A 147 -0.66 3.63 12.63
N SER A 148 0.19 3.80 13.64
CA SER A 148 1.60 4.18 13.42
C SER A 148 2.39 3.04 12.77
N ASP A 149 3.39 3.40 11.97
CA ASP A 149 4.33 2.44 11.41
C ASP A 149 5.21 1.79 12.48
N TRP A 150 5.37 2.46 13.62
CA TRP A 150 6.16 1.90 14.73
C TRP A 150 5.58 0.57 15.18
N VAL A 151 6.47 -0.38 15.46
CA VAL A 151 6.11 -1.72 15.85
C VAL A 151 6.79 -2.08 17.17
N THR A 152 6.06 -2.81 18.01
CA THR A 152 6.63 -3.55 19.13
C THR A 152 6.50 -5.03 18.77
N ILE A 153 7.62 -5.75 18.76
CA ILE A 153 7.55 -7.18 18.52
C ILE A 153 7.42 -7.94 19.83
N LYS A 154 6.43 -8.83 19.86
CA LYS A 154 6.24 -9.71 21.02
C LYS A 154 6.31 -11.16 20.55
N PHE A 155 6.32 -12.08 21.51
CA PHE A 155 6.63 -13.48 21.20
C PHE A 155 5.69 -14.43 21.93
N MET A 156 5.46 -15.58 21.31
CA MET A 156 4.62 -16.64 21.87
C MET A 156 5.22 -18.00 21.60
N LYS A 157 5.02 -18.92 22.53
CA LYS A 157 5.20 -20.34 22.23
C LYS A 157 3.87 -20.84 21.69
N VAL A 158 3.92 -21.49 20.53
CA VAL A 158 2.70 -21.85 19.81
C VAL A 158 1.85 -22.85 20.60
N ASP A 159 2.48 -23.91 21.12
CA ASP A 159 1.81 -24.91 21.95
C ASP A 159 1.27 -24.25 23.23
N GLY A 160 -0.05 -24.16 23.31
CA GLY A 160 -0.72 -23.49 24.41
C GLY A 160 -0.84 -21.98 24.28
N ALA A 161 -0.39 -21.42 23.15
CA ALA A 161 -0.40 -19.98 22.91
C ALA A 161 0.10 -19.19 24.14
N LYS A 162 1.29 -19.55 24.61
CA LYS A 162 1.86 -18.99 25.83
C LYS A 162 2.62 -17.71 25.55
N GLU A 163 2.25 -16.64 26.26
CA GLU A 163 2.98 -15.37 26.17
C GLU A 163 4.40 -15.54 26.72
N LEU A 164 5.37 -15.07 25.96
CA LEU A 164 6.77 -15.05 26.38
C LEU A 164 7.14 -13.61 26.77
N PRO A 165 8.19 -13.43 27.56
CA PRO A 165 8.58 -12.10 28.04
C PRO A 165 9.28 -11.21 27.02
N ASP A 166 9.83 -11.77 25.94
CA ASP A 166 10.61 -11.01 24.96
C ASP A 166 9.80 -9.89 24.34
N VAL A 167 10.35 -8.69 24.35
CA VAL A 167 9.69 -7.53 23.74
C VAL A 167 10.77 -6.70 23.04
N LEU A 168 10.53 -6.38 21.78
CA LEU A 168 11.47 -5.61 20.97
C LEU A 168 10.85 -4.26 20.60
N GLU A 169 11.58 -3.18 20.90
CA GLU A 169 11.12 -1.82 20.67
C GLU A 169 11.93 -1.12 19.60
N ARG A 170 11.37 -0.03 19.07
CA ARG A 170 12.01 0.83 18.05
C ARG A 170 12.11 0.12 16.70
N VAL A 171 11.16 -0.79 16.48
CA VAL A 171 11.07 -1.56 15.25
C VAL A 171 10.21 -0.80 14.23
N LYS A 172 10.72 -0.63 13.02
CA LYS A 172 9.95 0.00 11.94
C LYS A 172 10.53 -0.44 10.60
N PHE A 173 9.64 -0.68 9.62
CA PHE A 173 10.06 -1.16 8.29
C PHE A 173 11.03 -2.34 8.40
N SER A 174 10.63 -3.32 9.21
CA SER A 174 11.52 -4.34 9.69
C SER A 174 11.28 -5.70 9.03
N CYS A 175 12.35 -6.45 8.85
CA CYS A 175 12.24 -7.87 8.54
C CYS A 175 11.94 -8.62 9.84
N MET A 176 11.55 -9.88 9.72
CA MET A 176 11.48 -10.82 10.85
C MET A 176 11.85 -12.17 10.27
N ALA A 177 13.00 -12.70 10.67
CA ALA A 177 13.47 -13.97 10.13
C ALA A 177 14.20 -14.77 11.20
N TRP A 178 13.63 -15.92 11.56
CA TRP A 178 14.24 -16.81 12.55
C TRP A 178 15.33 -17.64 11.90
N THR A 179 16.46 -17.80 12.60
CA THR A 179 17.43 -18.80 12.16
C THR A 179 16.83 -20.18 12.42
N HIS A 180 17.20 -21.14 11.59
CA HIS A 180 16.59 -22.48 11.63
C HIS A 180 17.01 -23.32 12.82
N ASP A 181 18.04 -22.88 13.55
CA ASP A 181 18.37 -23.49 14.83
C ASP A 181 17.39 -23.10 15.95
N GLY A 182 16.46 -22.20 15.64
CA GLY A 182 15.44 -21.77 16.58
C GLY A 182 15.97 -20.93 17.75
N LYS A 183 17.21 -20.46 17.63
CA LYS A 183 17.84 -19.70 18.72
C LYS A 183 17.31 -18.27 18.83
N GLY A 184 16.99 -17.67 17.70
CA GLY A 184 16.67 -16.26 17.68
C GLY A 184 16.20 -15.79 16.34
N MET A 185 16.01 -14.47 16.23
CA MET A 185 15.37 -13.88 15.08
C MET A 185 16.02 -12.57 14.71
N PHE A 186 16.22 -12.38 13.41
CA PHE A 186 16.68 -11.11 12.86
C PHE A 186 15.51 -10.15 12.76
N TYR A 187 15.79 -8.87 12.97
CA TYR A 187 14.80 -7.80 12.84
C TYR A 187 15.55 -6.48 12.67
N ASN A 188 14.82 -5.41 12.35
CA ASN A 188 15.42 -4.09 12.24
C ASN A 188 14.96 -3.16 13.33
N ALA A 189 15.85 -2.29 13.79
CA ALA A 189 15.45 -1.24 14.70
C ALA A 189 16.17 0.06 14.37
N TYR A 190 15.57 1.17 14.81
CA TYR A 190 16.15 2.49 14.67
C TYR A 190 16.76 2.96 15.99
N PRO A 191 17.86 3.73 15.93
CA PRO A 191 18.49 4.26 17.14
C PRO A 191 17.55 5.20 17.89
N GLN A 192 17.84 5.44 19.16
CA GLN A 192 17.08 6.42 19.95
C GLN A 192 17.06 7.77 19.26
N GLN A 193 15.95 8.48 19.41
CA GLN A 193 15.83 9.84 18.91
C GLN A 193 15.19 10.72 19.98
N ASP A 194 15.50 12.00 19.96
CA ASP A 194 14.86 12.97 20.84
C ASP A 194 13.38 13.07 20.48
N GLY A 195 12.54 13.37 21.48
CA GLY A 195 11.13 13.55 21.25
C GLY A 195 10.36 12.25 21.19
N LYS A 196 9.18 12.29 20.57
CA LYS A 196 8.28 11.14 20.57
C LYS A 196 8.61 10.16 19.47
N SER A 197 8.31 8.89 19.73
CA SER A 197 8.32 7.88 18.69
C SER A 197 7.00 7.10 18.74
N ASP A 198 5.88 7.79 18.49
CA ASP A 198 4.58 7.14 18.60
C ASP A 198 3.69 7.31 17.38
N GLY A 199 4.25 7.93 16.34
CA GLY A 199 3.51 8.17 15.10
C GLY A 199 3.02 9.60 14.94
N THR A 200 3.10 10.40 16.01
CA THR A 200 2.72 11.83 15.92
C THR A 200 3.91 12.73 15.59
N GLU A 201 5.12 12.19 15.68
CA GLU A 201 6.31 12.98 15.37
C GLU A 201 6.59 13.00 13.87
N THR A 202 7.42 13.95 13.43
CA THR A 202 7.77 14.06 12.01
C THR A 202 9.23 13.71 11.75
N SER A 203 9.96 13.34 12.80
CA SER A 203 11.40 13.11 12.73
C SER A 203 11.77 12.12 11.64
N THR A 204 12.78 12.48 10.85
CA THR A 204 13.29 11.61 9.79
C THR A 204 13.90 10.33 10.38
N ASN A 205 13.70 9.22 9.67
CA ASN A 205 14.15 7.91 10.12
C ASN A 205 15.38 7.48 9.33
N LEU A 206 16.52 7.49 10.02
CA LEU A 206 17.81 7.14 9.44
C LEU A 206 18.56 6.14 10.31
N HIS A 207 19.58 5.51 9.72
CA HIS A 207 20.50 4.60 10.42
C HIS A 207 19.79 3.36 10.96
N GLN A 208 18.85 2.83 10.17
CA GLN A 208 18.21 1.57 10.50
C GLN A 208 19.27 0.50 10.57
N LYS A 209 19.20 -0.30 11.63
CA LYS A 209 20.20 -1.34 11.81
C LYS A 209 19.56 -2.73 11.79
N LEU A 210 20.36 -3.75 11.51
CA LEU A 210 19.87 -5.13 11.55
C LEU A 210 20.39 -5.80 12.82
N TYR A 211 19.46 -6.28 13.65
CA TYR A 211 19.82 -6.95 14.91
C TYR A 211 19.42 -8.42 14.90
N TYR A 212 20.00 -9.17 15.82
CA TYR A 212 19.62 -10.56 16.04
C TYR A 212 19.23 -10.67 17.50
N HIS A 213 17.97 -11.05 17.76
CA HIS A 213 17.51 -11.24 19.14
C HIS A 213 17.51 -12.72 19.52
N VAL A 214 18.27 -13.06 20.56
CA VAL A 214 18.24 -14.42 21.09
C VAL A 214 17.03 -14.56 22.00
N LEU A 215 16.15 -15.52 21.68
CA LEU A 215 14.94 -15.75 22.46
C LEU A 215 15.34 -16.04 23.90
N GLY A 216 14.68 -15.37 24.82
CA GLY A 216 14.92 -15.56 26.24
C GLY A 216 15.86 -14.54 26.87
N THR A 217 16.26 -13.53 26.10
CA THR A 217 17.15 -12.48 26.59
C THR A 217 16.48 -11.12 26.50
N ASP A 218 17.14 -10.12 27.10
CA ASP A 218 16.71 -8.73 26.99
C ASP A 218 17.13 -8.15 25.65
N GLN A 219 16.31 -7.26 25.10
CA GLN A 219 16.67 -6.59 23.84
C GLN A 219 18.04 -5.90 23.86
N SER A 220 18.46 -5.40 25.02
CA SER A 220 19.76 -4.74 25.12
C SER A 220 20.94 -5.68 24.81
N GLU A 221 20.70 -6.99 24.89
CA GLU A 221 21.71 -8.00 24.59
C GLU A 221 21.81 -8.32 23.08
N ASP A 222 20.87 -7.81 22.29
CA ASP A 222 20.81 -8.16 20.86
C ASP A 222 22.09 -7.87 20.10
N ILE A 223 22.40 -8.74 19.16
CA ILE A 223 23.62 -8.64 18.36
C ILE A 223 23.41 -7.73 17.16
N LEU A 224 24.29 -6.75 16.98
CA LEU A 224 24.30 -5.93 15.77
C LEU A 224 24.98 -6.71 14.66
N CYS A 225 24.23 -6.99 13.60
CA CYS A 225 24.68 -7.87 12.53
C CYS A 225 25.01 -7.16 11.22
N ALA A 226 24.37 -6.02 11.01
CA ALA A 226 24.70 -5.15 9.87
C ALA A 226 24.31 -3.72 10.19
N GLU A 227 25.15 -2.79 9.77
CA GLU A 227 24.84 -1.36 9.86
C GLU A 227 25.54 -0.61 8.74
N PHE A 228 25.01 0.55 8.38
CA PHE A 228 25.53 1.34 7.28
C PHE A 228 25.67 2.80 7.68
N PRO A 229 26.53 3.09 8.65
CA PRO A 229 26.66 4.45 9.18
C PRO A 229 27.07 5.51 8.15
N ASP A 230 27.77 5.11 7.09
CA ASP A 230 28.15 6.03 6.01
C ASP A 230 27.03 6.25 5.00
N GLU A 231 25.96 5.46 5.13
CA GLU A 231 24.83 5.50 4.23
C GLU A 231 23.52 5.43 5.03
N PRO A 232 23.19 6.54 5.68
CA PRO A 232 22.10 6.59 6.67
C PRO A 232 20.69 6.21 6.14
N LYS A 233 20.49 6.26 4.82
CA LYS A 233 19.20 5.89 4.24
C LYS A 233 19.10 4.42 3.86
N TRP A 234 20.22 3.69 3.92
CA TRP A 234 20.18 2.28 3.56
C TRP A 234 19.38 1.47 4.57
N MET A 235 18.63 0.49 4.07
CA MET A 235 17.84 -0.40 4.91
C MET A 235 18.12 -1.83 4.50
N GLY A 236 18.62 -2.63 5.44
CA GLY A 236 19.02 -4.01 5.18
C GLY A 236 18.10 -5.02 5.83
N GLY A 237 17.29 -5.70 5.01
CA GLY A 237 16.40 -6.73 5.50
C GLY A 237 16.99 -8.11 5.33
N ALA A 238 16.86 -8.94 6.36
CA ALA A 238 17.38 -10.31 6.34
C ALA A 238 16.30 -11.37 6.12
N GLU A 239 16.67 -12.43 5.42
CA GLU A 239 15.84 -13.64 5.33
C GLU A 239 16.77 -14.86 5.33
N LEU A 240 16.25 -16.00 5.78
CA LEU A 240 17.04 -17.23 5.73
C LEU A 240 16.72 -17.98 4.46
N SER A 241 17.74 -18.54 3.81
CA SER A 241 17.52 -19.50 2.72
C SER A 241 16.66 -20.67 3.19
N ASP A 242 15.98 -21.34 2.26
CA ASP A 242 15.03 -22.42 2.59
C ASP A 242 15.65 -23.59 3.35
N ASP A 243 16.94 -23.80 3.13
CA ASP A 243 17.70 -24.83 3.84
C ASP A 243 18.32 -24.34 5.15
N GLY A 244 18.09 -23.07 5.48
CA GLY A 244 18.59 -22.47 6.72
C GLY A 244 20.08 -22.16 6.77
N ARG A 245 20.78 -22.45 5.67
CA ARG A 245 22.22 -22.30 5.63
C ARG A 245 22.71 -20.86 5.51
N TYR A 246 22.00 -20.03 4.74
CA TYR A 246 22.46 -18.68 4.46
C TYR A 246 21.49 -17.62 4.95
N VAL A 247 22.03 -16.55 5.53
CA VAL A 247 21.26 -15.32 5.70
C VAL A 247 21.44 -14.49 4.44
N LEU A 248 20.34 -14.08 3.82
CA LEU A 248 20.43 -13.20 2.66
C LEU A 248 20.03 -11.80 3.10
N LEU A 249 20.89 -10.83 2.79
CA LEU A 249 20.65 -9.45 3.15
C LEU A 249 20.29 -8.64 1.91
N SER A 250 19.05 -8.12 1.89
CA SER A 250 18.59 -7.29 0.80
C SER A 250 18.66 -5.84 1.25
N ILE A 251 19.58 -5.08 0.65
CA ILE A 251 19.75 -3.68 1.03
C ILE A 251 19.05 -2.79 0.02
N ARG A 252 18.22 -1.91 0.55
CA ARG A 252 17.49 -0.94 -0.26
C ARG A 252 17.84 0.49 0.13
N GLU A 253 17.72 1.39 -0.84
CA GLU A 253 17.81 2.81 -0.57
C GLU A 253 16.83 3.49 -1.51
N GLY A 254 15.73 3.99 -0.94
CA GLY A 254 14.63 4.47 -1.75
C GLY A 254 13.64 3.37 -2.09
N CYS A 255 12.78 3.66 -3.06
CA CYS A 255 11.61 2.84 -3.33
C CYS A 255 11.65 2.12 -4.66
N ASP A 256 12.75 2.27 -5.40
CA ASP A 256 12.90 1.56 -6.67
C ASP A 256 12.98 0.05 -6.41
N PRO A 257 12.48 -0.75 -7.35
CA PRO A 257 12.60 -2.21 -7.25
C PRO A 257 14.02 -2.64 -7.59
N VAL A 258 14.94 -2.30 -6.69
CA VAL A 258 16.34 -2.70 -6.81
C VAL A 258 16.84 -2.96 -5.40
N ASN A 259 17.90 -3.76 -5.29
CA ASN A 259 18.52 -4.02 -4.01
C ASN A 259 19.93 -4.56 -4.20
N ARG A 260 20.81 -4.23 -3.27
CA ARG A 260 22.04 -5.01 -3.12
C ARG A 260 21.64 -6.36 -2.52
N LEU A 261 22.46 -7.38 -2.75
CA LEU A 261 22.20 -8.70 -2.21
C LEU A 261 23.52 -9.20 -1.68
N TRP A 262 23.62 -9.31 -0.35
CA TRP A 262 24.79 -9.91 0.28
C TRP A 262 24.33 -11.20 0.95
N TYR A 263 25.25 -12.14 1.12
CA TYR A 263 24.88 -13.36 1.81
C TYR A 263 25.88 -13.75 2.90
N CYS A 264 25.43 -14.60 3.80
CA CYS A 264 26.29 -15.12 4.85
C CYS A 264 25.98 -16.59 5.06
N ASP A 265 26.94 -17.46 4.76
CA ASP A 265 26.83 -18.86 5.11
C ASP A 265 27.02 -18.93 6.62
N LEU A 266 25.95 -19.23 7.35
CA LEU A 266 26.01 -19.19 8.82
C LEU A 266 27.01 -20.17 9.42
N GLN A 267 27.23 -21.27 8.72
CA GLN A 267 28.19 -22.27 9.18
C GLN A 267 29.64 -21.77 9.08
N GLN A 268 29.86 -20.70 8.31
CA GLN A 268 31.19 -20.09 8.21
C GLN A 268 31.46 -19.03 9.29
N GLU A 269 30.47 -18.75 10.13
CA GLU A 269 30.71 -17.85 11.25
C GLU A 269 31.63 -18.55 12.24
N SER A 270 32.54 -17.79 12.83
CA SER A 270 33.59 -18.35 13.66
C SER A 270 33.06 -19.00 14.94
N ASN A 271 31.98 -18.43 15.48
CA ASN A 271 31.39 -18.88 16.74
C ASN A 271 29.91 -18.49 16.82
N GLY A 272 29.16 -18.79 15.76
CA GLY A 272 27.76 -18.39 15.67
C GLY A 272 27.61 -16.89 15.48
N ILE A 273 26.40 -16.37 15.73
CA ILE A 273 26.11 -14.96 15.54
C ILE A 273 26.56 -14.15 16.77
N THR A 274 27.67 -13.41 16.64
CA THR A 274 28.27 -12.69 17.77
C THR A 274 28.56 -11.22 17.46
N GLY A 275 28.44 -10.84 16.20
CA GLY A 275 28.70 -9.46 15.80
C GLY A 275 28.39 -9.30 14.34
N ILE A 276 29.04 -8.33 13.70
CA ILE A 276 28.83 -8.10 12.28
C ILE A 276 29.16 -9.40 11.51
N LEU A 277 28.21 -9.88 10.72
CA LEU A 277 28.41 -11.15 10.01
C LEU A 277 29.47 -11.02 8.91
N LYS A 278 30.00 -12.17 8.50
CA LYS A 278 30.94 -12.25 7.39
C LYS A 278 30.22 -12.16 6.06
N TRP A 279 29.67 -10.99 5.78
CA TRP A 279 28.92 -10.76 4.56
C TRP A 279 29.77 -10.91 3.31
N VAL A 280 29.23 -11.62 2.33
CA VAL A 280 29.84 -11.75 1.01
C VAL A 280 28.97 -10.93 0.07
N LYS A 281 29.58 -9.96 -0.59
CA LYS A 281 28.80 -8.98 -1.35
C LYS A 281 28.59 -9.45 -2.77
N LEU A 282 27.60 -10.33 -2.94
CA LEU A 282 27.30 -10.94 -4.22
C LEU A 282 26.88 -9.89 -5.26
N ILE A 283 25.89 -9.06 -4.92
CA ILE A 283 25.48 -7.95 -5.76
C ILE A 283 25.64 -6.68 -4.94
N ASP A 284 26.60 -5.84 -5.32
CA ASP A 284 26.93 -4.70 -4.48
C ASP A 284 26.65 -3.36 -5.16
N ASN A 285 25.48 -3.27 -5.78
CA ASN A 285 25.00 -2.02 -6.37
C ASN A 285 23.48 -2.01 -6.35
N PHE A 286 22.89 -0.91 -6.79
CA PHE A 286 21.43 -0.80 -6.83
C PHE A 286 20.91 -0.83 -8.26
N GLU A 287 21.52 -1.65 -9.11
CA GLU A 287 21.13 -1.66 -10.53
C GLU A 287 19.96 -2.59 -10.85
N GLY A 288 19.68 -3.54 -9.97
CA GLY A 288 18.61 -4.49 -10.22
C GLY A 288 17.97 -5.06 -8.96
N GLU A 289 16.77 -5.64 -9.11
CA GLU A 289 16.14 -6.35 -8.00
C GLU A 289 16.60 -7.80 -8.01
N TYR A 290 16.85 -8.34 -6.82
CA TYR A 290 17.13 -9.77 -6.66
C TYR A 290 16.31 -10.25 -5.50
N ASP A 291 15.23 -10.94 -5.85
CA ASP A 291 14.22 -11.39 -4.90
C ASP A 291 14.35 -12.91 -4.79
N TYR A 292 14.75 -13.36 -3.60
CA TYR A 292 15.06 -14.77 -3.38
C TYR A 292 13.84 -15.66 -3.58
N VAL A 293 13.98 -16.71 -4.38
CA VAL A 293 12.89 -17.68 -4.56
C VAL A 293 13.21 -18.98 -3.83
N THR A 294 14.35 -19.57 -4.17
CA THR A 294 14.82 -20.77 -3.51
C THR A 294 16.29 -21.01 -3.85
N ASN A 295 16.90 -22.01 -3.22
CA ASN A 295 18.20 -22.48 -3.65
C ASN A 295 18.28 -23.99 -3.58
N GLU A 296 19.23 -24.53 -4.33
CA GLU A 296 19.61 -25.93 -4.26
C GLU A 296 21.12 -25.90 -4.16
N GLY A 297 21.63 -26.19 -2.95
CA GLY A 297 23.04 -25.97 -2.65
C GLY A 297 23.40 -24.51 -2.94
N THR A 298 24.42 -24.31 -3.78
CA THR A 298 24.89 -22.96 -4.06
C THR A 298 24.18 -22.30 -5.23
N VAL A 299 23.23 -23.01 -5.84
CA VAL A 299 22.49 -22.44 -6.97
C VAL A 299 21.22 -21.75 -6.45
N PHE A 300 21.23 -20.42 -6.57
CA PHE A 300 20.17 -19.59 -6.02
C PHE A 300 19.29 -19.04 -7.12
N THR A 301 17.98 -19.30 -7.00
CA THR A 301 16.98 -18.79 -7.93
C THR A 301 16.42 -17.45 -7.43
N PHE A 302 16.51 -16.42 -8.28
CA PHE A 302 16.03 -15.09 -7.94
C PHE A 302 15.07 -14.61 -8.99
N LYS A 303 14.02 -13.94 -8.55
CA LYS A 303 13.23 -13.11 -9.44
C LYS A 303 14.00 -11.81 -9.60
N THR A 304 14.17 -11.38 -10.85
CA THR A 304 14.96 -10.20 -11.11
C THR A 304 14.34 -9.33 -12.17
N ASN A 305 14.70 -8.05 -12.18
CA ASN A 305 14.38 -7.18 -13.30
C ASN A 305 15.65 -6.66 -14.01
N ARG A 306 16.78 -7.28 -13.71
CA ARG A 306 18.05 -6.94 -14.35
C ARG A 306 17.96 -7.27 -15.84
N HIS A 307 18.05 -6.23 -16.68
CA HIS A 307 17.88 -6.37 -18.13
C HIS A 307 16.51 -6.94 -18.51
N SER A 308 15.54 -6.83 -17.60
CA SER A 308 14.25 -7.48 -17.81
C SER A 308 13.15 -6.71 -17.09
N PRO A 309 12.70 -5.62 -17.69
CA PRO A 309 11.68 -4.77 -17.07
C PRO A 309 10.37 -5.49 -16.72
N ASN A 310 10.03 -6.58 -17.41
CA ASN A 310 8.83 -7.35 -17.06
C ASN A 310 9.11 -8.49 -16.07
N TYR A 311 10.37 -8.57 -15.62
CA TYR A 311 10.84 -9.57 -14.65
C TYR A 311 11.06 -10.96 -15.22
N ARG A 312 12.00 -11.68 -14.63
CA ARG A 312 12.29 -13.05 -15.05
C ARG A 312 12.94 -13.78 -13.89
N LEU A 313 13.18 -15.08 -14.07
CA LEU A 313 13.88 -15.88 -13.08
C LEU A 313 15.26 -16.26 -13.60
N ILE A 314 16.26 -16.01 -12.76
CA ILE A 314 17.65 -16.38 -13.06
C ILE A 314 18.18 -17.28 -11.95
N ASN A 315 19.14 -18.13 -12.30
CA ASN A 315 19.92 -18.87 -11.31
C ASN A 315 21.32 -18.28 -11.21
N ILE A 316 21.72 -17.89 -10.00
CA ILE A 316 23.08 -17.45 -9.73
C ILE A 316 23.74 -18.49 -8.85
N ASP A 317 24.86 -19.02 -9.31
CA ASP A 317 25.64 -19.99 -8.55
C ASP A 317 26.67 -19.19 -7.76
N PHE A 318 26.56 -19.24 -6.44
CA PHE A 318 27.50 -18.53 -5.56
C PHE A 318 28.96 -18.91 -5.83
N THR A 319 29.19 -20.12 -6.35
CA THR A 319 30.55 -20.59 -6.67
C THR A 319 31.05 -20.12 -8.04
N ASP A 320 30.14 -19.55 -8.83
CA ASP A 320 30.49 -19.02 -10.15
C ASP A 320 29.64 -17.79 -10.39
N PRO A 321 29.86 -16.75 -9.57
CA PRO A 321 28.88 -15.68 -9.37
C PRO A 321 28.83 -14.55 -10.43
N GLU A 322 29.76 -14.50 -11.39
CA GLU A 322 29.76 -13.42 -12.37
C GLU A 322 28.50 -13.46 -13.25
N GLU A 323 28.01 -12.27 -13.60
CA GLU A 323 26.76 -12.10 -14.35
C GLU A 323 26.74 -12.91 -15.65
N SER A 324 27.88 -12.92 -16.35
CA SER A 324 27.99 -13.66 -17.61
C SER A 324 27.71 -15.15 -17.46
N LYS A 325 27.81 -15.66 -16.23
CA LYS A 325 27.59 -17.08 -15.94
C LYS A 325 26.17 -17.43 -15.51
N TRP A 326 25.39 -16.42 -15.16
CA TRP A 326 24.04 -16.67 -14.66
C TRP A 326 23.20 -17.39 -15.72
N LYS A 327 22.31 -18.26 -15.26
CA LYS A 327 21.41 -18.97 -16.16
C LYS A 327 20.02 -18.37 -16.09
N VAL A 328 19.39 -18.20 -17.25
CA VAL A 328 18.03 -17.71 -17.29
C VAL A 328 17.08 -18.90 -17.20
N LEU A 329 16.38 -19.03 -16.07
CA LEU A 329 15.54 -20.18 -15.82
C LEU A 329 14.16 -20.04 -16.48
N VAL A 330 13.53 -18.88 -16.25
CA VAL A 330 12.26 -18.52 -16.87
C VAL A 330 12.49 -17.15 -17.48
N PRO A 331 12.69 -17.10 -18.80
CA PRO A 331 12.91 -15.81 -19.47
C PRO A 331 11.77 -14.83 -19.33
N GLU A 332 12.12 -13.55 -19.53
CA GLU A 332 11.17 -12.46 -19.46
C GLU A 332 10.10 -12.63 -20.54
N HIS A 333 8.86 -12.35 -20.16
CA HIS A 333 7.78 -12.25 -21.14
C HIS A 333 7.85 -10.90 -21.84
N GLU A 334 7.41 -10.89 -23.10
CA GLU A 334 7.38 -9.69 -23.94
C GLU A 334 6.50 -8.58 -23.36
N LYS A 335 5.40 -8.96 -22.71
CA LYS A 335 4.44 -7.97 -22.20
C LYS A 335 3.98 -8.22 -20.77
N ASP A 336 3.85 -9.49 -20.39
CA ASP A 336 3.30 -9.84 -19.08
C ASP A 336 4.31 -9.72 -17.95
N VAL A 337 3.88 -9.09 -16.86
CA VAL A 337 4.76 -8.89 -15.71
C VAL A 337 4.70 -10.13 -14.84
N LEU A 338 5.88 -10.67 -14.53
CA LEU A 338 6.00 -11.71 -13.51
C LEU A 338 5.96 -11.00 -12.15
N GLU A 339 4.80 -11.07 -11.50
CA GLU A 339 4.54 -10.35 -10.25
C GLU A 339 5.28 -10.92 -9.06
N TRP A 340 5.15 -12.23 -8.86
CA TRP A 340 5.84 -12.88 -7.75
C TRP A 340 5.99 -14.36 -8.06
N VAL A 341 6.91 -14.99 -7.33
CA VAL A 341 7.21 -16.39 -7.49
C VAL A 341 7.41 -17.03 -6.11
N ALA A 342 6.87 -18.23 -5.94
CA ALA A 342 7.12 -19.03 -4.74
C ALA A 342 7.57 -20.42 -5.12
N CYS A 343 8.40 -21.01 -4.26
CA CYS A 343 8.80 -22.39 -4.43
C CYS A 343 8.06 -23.27 -3.43
N VAL A 344 7.53 -24.38 -3.92
CA VAL A 344 6.70 -25.27 -3.09
C VAL A 344 6.95 -26.73 -3.49
N ARG A 345 6.73 -27.65 -2.56
CA ARG A 345 6.96 -29.09 -2.76
C ARG A 345 8.32 -29.41 -3.37
N SER A 346 9.35 -28.77 -2.84
CA SER A 346 10.75 -28.98 -3.23
C SER A 346 11.10 -28.41 -4.61
N ASN A 347 10.43 -28.87 -5.66
CA ASN A 347 10.83 -28.57 -7.03
C ASN A 347 9.74 -28.00 -7.94
N PHE A 348 8.71 -27.42 -7.32
CA PHE A 348 7.72 -26.66 -8.08
C PHE A 348 7.92 -25.18 -7.86
N LEU A 349 7.64 -24.41 -8.89
CA LEU A 349 7.58 -22.96 -8.77
C LEU A 349 6.16 -22.51 -9.10
N VAL A 350 5.62 -21.66 -8.25
CA VAL A 350 4.35 -21.00 -8.52
C VAL A 350 4.65 -19.58 -9.03
N LEU A 351 4.21 -19.31 -10.26
CA LEU A 351 4.47 -18.04 -10.91
C LEU A 351 3.14 -17.32 -11.10
N CYS A 352 3.09 -16.08 -10.66
CA CYS A 352 1.91 -15.24 -10.83
C CYS A 352 2.26 -14.10 -11.78
N TYR A 353 1.55 -14.06 -12.92
CA TYR A 353 1.77 -13.04 -13.93
C TYR A 353 0.63 -12.04 -13.92
N LEU A 354 0.94 -10.83 -14.36
CA LEU A 354 -0.07 -9.81 -14.63
C LEU A 354 -0.18 -9.63 -16.15
N HIS A 355 -1.34 -10.00 -16.70
CA HIS A 355 -1.62 -9.89 -18.12
C HIS A 355 -2.74 -8.86 -18.28
N ASP A 356 -2.41 -7.70 -18.84
CA ASP A 356 -3.36 -6.57 -18.95
C ASP A 356 -4.15 -6.36 -17.66
N VAL A 357 -3.41 -6.26 -16.57
CA VAL A 357 -3.92 -5.89 -15.25
C VAL A 357 -4.85 -6.95 -14.64
N LYS A 358 -4.70 -8.20 -15.07
CA LYS A 358 -5.40 -9.34 -14.50
C LYS A 358 -4.37 -10.43 -14.20
N ASN A 359 -4.59 -11.18 -13.12
CA ASN A 359 -3.62 -12.21 -12.73
C ASN A 359 -3.85 -13.55 -13.42
N THR A 360 -2.75 -14.24 -13.67
CA THR A 360 -2.78 -15.65 -14.02
C THR A 360 -1.89 -16.35 -13.00
N LEU A 361 -2.05 -17.65 -12.86
CA LEU A 361 -1.25 -18.39 -11.91
C LEU A 361 -0.86 -19.71 -12.57
N GLN A 362 0.42 -20.03 -12.53
CA GLN A 362 0.94 -21.20 -13.23
C GLN A 362 1.94 -21.94 -12.35
N LEU A 363 2.07 -23.24 -12.57
CA LEU A 363 3.04 -24.08 -11.88
C LEU A 363 4.13 -24.46 -12.86
N HIS A 364 5.39 -24.22 -12.48
CA HIS A 364 6.54 -24.57 -13.31
C HIS A 364 7.49 -25.54 -12.61
N ASP A 365 8.29 -26.22 -13.41
CA ASP A 365 9.34 -27.10 -12.89
C ASP A 365 10.53 -26.27 -12.46
N LEU A 366 11.09 -26.57 -11.29
CA LEU A 366 12.24 -25.79 -10.79
C LEU A 366 13.50 -26.04 -11.61
N ALA A 367 13.71 -27.28 -12.02
CA ALA A 367 14.95 -27.65 -12.71
C ALA A 367 15.11 -27.02 -14.10
N THR A 368 14.00 -26.92 -14.83
CA THR A 368 14.04 -26.40 -16.20
C THR A 368 13.30 -25.09 -16.38
N GLY A 369 12.38 -24.76 -15.48
CA GLY A 369 11.55 -23.57 -15.64
C GLY A 369 10.31 -23.82 -16.50
N ALA A 370 10.16 -25.06 -17.00
CA ALA A 370 9.08 -25.40 -17.93
C ALA A 370 7.72 -25.31 -17.26
N LEU A 371 6.76 -24.72 -17.96
CA LEU A 371 5.36 -24.68 -17.51
C LEU A 371 4.80 -26.09 -17.40
N LEU A 372 4.11 -26.37 -16.29
CA LEU A 372 3.51 -27.68 -16.04
C LEU A 372 2.00 -27.64 -15.95
N LYS A 373 1.48 -26.57 -15.37
CA LYS A 373 0.04 -26.48 -15.09
C LYS A 373 -0.44 -25.04 -15.00
N ILE A 374 -1.57 -24.75 -15.64
CA ILE A 374 -2.22 -23.45 -15.48
C ILE A 374 -3.40 -23.62 -14.51
N PHE A 375 -3.39 -22.83 -13.44
CA PHE A 375 -4.54 -22.80 -12.52
C PHE A 375 -5.55 -21.78 -13.06
N PRO A 376 -6.74 -22.27 -13.42
CA PRO A 376 -7.73 -21.42 -14.09
C PRO A 376 -8.33 -20.38 -13.14
N LEU A 377 -8.38 -19.13 -13.58
CA LEU A 377 -8.97 -18.05 -12.79
C LEU A 377 -9.90 -17.24 -13.67
N GLU A 378 -10.92 -16.66 -13.05
CA GLU A 378 -11.75 -15.63 -13.68
C GLU A 378 -10.95 -14.33 -13.77
N VAL A 379 -11.56 -13.27 -14.32
CA VAL A 379 -10.84 -11.99 -14.40
C VAL A 379 -10.75 -11.35 -13.01
N GLY A 380 -9.54 -11.14 -12.52
CA GLY A 380 -9.34 -10.51 -11.23
C GLY A 380 -7.92 -10.63 -10.73
N SER A 381 -7.78 -10.70 -9.39
CA SER A 381 -6.47 -10.64 -8.76
C SER A 381 -6.24 -11.82 -7.84
N VAL A 382 -4.99 -12.26 -7.77
CA VAL A 382 -4.59 -13.16 -6.69
C VAL A 382 -4.07 -12.28 -5.56
N VAL A 383 -4.69 -12.38 -4.39
CA VAL A 383 -4.37 -11.49 -3.28
C VAL A 383 -3.85 -12.24 -2.05
N GLY A 384 -3.76 -13.55 -2.17
CA GLY A 384 -3.27 -14.38 -1.08
C GLY A 384 -2.70 -15.66 -1.63
N TYR A 385 -1.71 -16.20 -0.92
CA TYR A 385 -1.07 -17.44 -1.33
C TYR A 385 -0.36 -18.06 -0.14
N SER A 386 -0.38 -19.39 -0.06
CA SER A 386 0.53 -20.11 0.84
C SER A 386 1.10 -21.36 0.17
N GLY A 387 2.31 -21.71 0.58
CA GLY A 387 2.97 -22.92 0.12
C GLY A 387 4.47 -22.66 0.07
N GLN A 388 5.20 -23.11 1.09
CA GLN A 388 6.64 -22.91 1.12
C GLN A 388 7.35 -24.17 0.62
N LYS A 389 8.68 -24.13 0.57
CA LYS A 389 9.42 -25.22 -0.06
C LYS A 389 9.10 -26.61 0.51
N LYS A 390 8.92 -26.70 1.83
CA LYS A 390 8.65 -27.98 2.46
C LYS A 390 7.19 -28.41 2.39
N ASP A 391 6.29 -27.47 2.04
CA ASP A 391 4.86 -27.79 1.92
C ASP A 391 4.55 -28.63 0.69
N THR A 392 3.46 -29.39 0.74
CA THR A 392 3.09 -30.27 -0.38
C THR A 392 1.73 -29.88 -0.97
N GLU A 393 1.29 -28.67 -0.65
CA GLU A 393 0.02 -28.13 -1.13
C GLU A 393 0.11 -26.62 -1.21
N ILE A 394 -0.77 -26.02 -2.01
CA ILE A 394 -0.90 -24.57 -2.04
C ILE A 394 -2.33 -24.19 -1.71
N PHE A 395 -2.48 -23.00 -1.15
CA PHE A 395 -3.76 -22.29 -1.12
C PHE A 395 -3.55 -20.97 -1.86
N TYR A 396 -4.58 -20.47 -2.53
CA TYR A 396 -4.46 -19.13 -3.11
C TYR A 396 -5.82 -18.45 -3.10
N GLN A 397 -5.81 -17.14 -2.93
CA GLN A 397 -7.04 -16.39 -2.80
C GLN A 397 -7.22 -15.46 -3.98
N PHE A 398 -8.40 -15.57 -4.59
CA PHE A 398 -8.77 -14.78 -5.74
C PHE A 398 -9.88 -13.82 -5.33
N THR A 399 -9.83 -12.61 -5.89
CA THR A 399 -10.88 -11.63 -5.70
C THR A 399 -11.08 -10.87 -7.02
N SER A 400 -12.20 -10.17 -7.13
CA SER A 400 -12.51 -9.42 -8.33
C SER A 400 -13.41 -8.26 -7.94
N PHE A 401 -13.79 -7.43 -8.91
CA PHE A 401 -14.64 -6.29 -8.61
C PHE A 401 -16.02 -6.66 -8.05
N LEU A 402 -16.55 -7.80 -8.49
CA LEU A 402 -17.98 -8.09 -8.29
C LEU A 402 -18.31 -9.15 -7.24
N SER A 403 -17.31 -9.87 -6.75
CA SER A 403 -17.54 -10.85 -5.70
C SER A 403 -16.34 -10.96 -4.75
N PRO A 404 -16.60 -11.20 -3.46
CA PRO A 404 -15.56 -11.24 -2.43
C PRO A 404 -14.45 -12.22 -2.79
N GLY A 405 -14.79 -13.28 -3.50
CA GLY A 405 -13.80 -14.19 -4.01
C GLY A 405 -13.69 -15.51 -3.28
N ILE A 406 -12.68 -16.27 -3.69
CA ILE A 406 -12.60 -17.68 -3.40
C ILE A 406 -11.19 -17.99 -2.92
N ILE A 407 -11.10 -18.88 -1.94
CA ILE A 407 -9.83 -19.51 -1.62
C ILE A 407 -9.82 -20.89 -2.27
N TYR A 408 -8.77 -21.15 -3.05
CA TYR A 408 -8.57 -22.44 -3.67
C TYR A 408 -7.50 -23.22 -2.92
N HIS A 409 -7.59 -24.53 -3.00
CA HIS A 409 -6.58 -25.43 -2.45
C HIS A 409 -6.16 -26.39 -3.56
N CYS A 410 -4.88 -26.75 -3.58
CA CYS A 410 -4.41 -27.78 -4.49
C CYS A 410 -3.34 -28.64 -3.81
N ASP A 411 -3.63 -29.93 -3.71
CA ASP A 411 -2.74 -30.93 -3.16
C ASP A 411 -1.70 -31.31 -4.23
N LEU A 412 -0.45 -30.90 -3.99
CA LEU A 412 0.58 -31.06 -5.01
C LEU A 412 1.27 -32.43 -5.00
N THR A 413 0.81 -33.34 -4.13
CA THR A 413 1.34 -34.70 -4.13
C THR A 413 0.61 -35.57 -5.15
N LYS A 414 -0.52 -35.06 -5.63
CA LYS A 414 -1.36 -35.78 -6.58
C LYS A 414 -0.79 -35.72 -7.99
N GLU A 415 -0.98 -36.79 -8.75
CA GLU A 415 -0.46 -36.88 -10.11
C GLU A 415 -1.14 -35.86 -11.03
N GLU A 416 -2.45 -35.70 -10.86
CA GLU A 416 -3.20 -34.67 -11.57
C GLU A 416 -3.50 -33.53 -10.61
N LEU A 417 -3.06 -32.33 -11.01
CA LEU A 417 -3.04 -31.17 -10.12
C LEU A 417 -4.25 -30.27 -10.28
N GLU A 418 -5.37 -30.71 -9.72
CA GLU A 418 -6.63 -30.00 -9.88
C GLU A 418 -6.97 -29.20 -8.63
N PRO A 419 -7.01 -27.88 -8.76
CA PRO A 419 -7.44 -27.03 -7.65
C PRO A 419 -8.92 -27.22 -7.35
N ARG A 420 -9.30 -27.01 -6.10
CA ARG A 420 -10.68 -27.10 -5.66
C ARG A 420 -11.01 -25.88 -4.81
N VAL A 421 -12.27 -25.46 -4.86
CA VAL A 421 -12.75 -24.38 -4.00
C VAL A 421 -12.65 -24.87 -2.55
N PHE A 422 -11.95 -24.08 -1.74
CA PHE A 422 -11.75 -24.43 -0.33
C PHE A 422 -12.69 -23.58 0.56
N ARG A 423 -12.82 -22.31 0.19
CA ARG A 423 -13.71 -21.38 0.87
C ARG A 423 -14.26 -20.38 -0.15
N GLU A 424 -15.56 -20.12 -0.08
CA GLU A 424 -16.20 -19.13 -0.93
C GLU A 424 -17.31 -18.45 -0.14
N VAL A 425 -17.35 -17.12 -0.22
CA VAL A 425 -18.38 -16.34 0.47
C VAL A 425 -19.04 -15.43 -0.55
N THR A 426 -20.36 -15.33 -0.49
CA THR A 426 -21.08 -14.34 -1.31
C THR A 426 -21.81 -13.33 -0.43
N VAL A 427 -21.93 -12.11 -0.94
CA VAL A 427 -22.60 -11.03 -0.23
C VAL A 427 -24.03 -10.87 -0.75
N LYS A 428 -25.00 -11.27 0.08
CA LYS A 428 -26.41 -11.07 -0.24
C LYS A 428 -26.74 -9.58 -0.22
N GLY A 429 -27.46 -9.12 -1.23
CA GLY A 429 -27.78 -7.70 -1.35
C GLY A 429 -27.05 -7.06 -2.52
N ILE A 430 -25.92 -7.64 -2.90
CA ILE A 430 -25.22 -7.22 -4.11
C ILE A 430 -25.08 -8.43 -5.06
N ASP A 431 -26.05 -8.53 -5.97
CA ASP A 431 -26.08 -9.55 -7.01
C ASP A 431 -25.07 -9.20 -8.10
N ALA A 432 -24.00 -10.00 -8.19
CA ALA A 432 -22.93 -9.76 -9.17
C ALA A 432 -23.44 -9.69 -10.61
N SER A 433 -24.47 -10.48 -10.90
CA SER A 433 -25.08 -10.57 -12.23
C SER A 433 -25.67 -9.26 -12.75
N ASP A 434 -25.94 -8.33 -11.83
CA ASP A 434 -26.54 -7.04 -12.18
C ASP A 434 -25.53 -6.06 -12.78
N TYR A 435 -24.25 -6.38 -12.61
CA TYR A 435 -23.19 -5.45 -12.98
C TYR A 435 -22.22 -6.05 -13.98
N GLN A 436 -21.48 -5.19 -14.67
CA GLN A 436 -20.43 -5.66 -15.56
C GLN A 436 -19.16 -4.86 -15.35
N THR A 437 -18.05 -5.52 -15.63
CA THR A 437 -16.74 -4.89 -15.65
C THR A 437 -16.27 -4.89 -17.08
N VAL A 438 -15.87 -3.73 -17.58
CA VAL A 438 -15.22 -3.66 -18.88
C VAL A 438 -13.81 -3.11 -18.72
N GLN A 439 -12.93 -3.51 -19.62
CA GLN A 439 -11.61 -2.94 -19.68
C GLN A 439 -11.48 -2.27 -21.03
N ILE A 440 -11.05 -1.01 -21.01
CA ILE A 440 -10.77 -0.28 -22.24
C ILE A 440 -9.36 0.26 -22.19
N PHE A 441 -8.87 0.71 -23.34
CA PHE A 441 -7.55 1.32 -23.43
C PHE A 441 -7.70 2.66 -24.13
N TYR A 442 -7.38 3.74 -23.42
CA TYR A 442 -7.58 5.09 -23.94
C TYR A 442 -6.22 5.74 -24.21
N PRO A 443 -6.11 6.51 -25.30
CA PRO A 443 -4.87 7.27 -25.56
C PRO A 443 -4.69 8.46 -24.62
N SER A 444 -3.50 8.55 -24.04
CA SER A 444 -3.13 9.71 -23.25
C SER A 444 -2.64 10.81 -24.19
N LYS A 445 -2.27 11.96 -23.63
CA LYS A 445 -1.82 13.14 -24.39
C LYS A 445 -0.76 12.79 -25.43
N ASP A 446 0.21 11.95 -25.05
CA ASP A 446 1.30 11.58 -25.95
C ASP A 446 0.99 10.35 -26.81
N GLY A 447 -0.25 9.87 -26.74
CA GLY A 447 -0.71 8.74 -27.53
C GLY A 447 -0.57 7.39 -26.86
N THR A 448 0.10 7.34 -25.70
CA THR A 448 0.24 6.08 -24.97
C THR A 448 -1.13 5.57 -24.58
N LYS A 449 -1.40 4.30 -24.89
CA LYS A 449 -2.67 3.67 -24.51
C LYS A 449 -2.63 3.24 -23.04
N ILE A 450 -3.60 3.72 -22.27
CA ILE A 450 -3.70 3.42 -20.83
C ILE A 450 -4.90 2.52 -20.56
N PRO A 451 -4.72 1.45 -19.78
CA PRO A 451 -5.85 0.62 -19.38
C PRO A 451 -6.74 1.34 -18.36
N MET A 452 -8.04 1.07 -18.45
CA MET A 452 -8.98 1.53 -17.42
C MET A 452 -10.06 0.48 -17.27
N PHE A 453 -10.35 0.10 -16.02
CA PHE A 453 -11.50 -0.74 -15.70
C PHE A 453 -12.70 0.16 -15.44
N ILE A 454 -13.87 -0.23 -15.96
CA ILE A 454 -15.10 0.49 -15.66
C ILE A 454 -16.13 -0.53 -15.15
N VAL A 455 -16.72 -0.23 -13.99
CA VAL A 455 -17.73 -1.11 -13.41
C VAL A 455 -19.04 -0.36 -13.30
N HIS A 456 -20.11 -0.97 -13.79
CA HIS A 456 -21.40 -0.32 -13.81
C HIS A 456 -22.56 -1.31 -13.91
N LYS A 457 -23.76 -0.82 -13.61
CA LYS A 457 -24.97 -1.61 -13.79
C LYS A 457 -25.15 -1.90 -15.28
N LYS A 458 -25.54 -3.14 -15.60
CA LYS A 458 -25.82 -3.52 -16.98
C LYS A 458 -26.98 -2.72 -17.54
N GLY A 459 -26.88 -2.34 -18.81
CA GLY A 459 -27.97 -1.69 -19.51
C GLY A 459 -28.09 -0.18 -19.35
N ILE A 460 -27.13 0.46 -18.67
CA ILE A 460 -27.18 1.92 -18.53
C ILE A 460 -27.00 2.63 -19.88
N LYS A 461 -27.70 3.74 -20.04
CA LYS A 461 -27.55 4.57 -21.24
C LYS A 461 -26.35 5.47 -21.01
N LEU A 462 -25.47 5.53 -21.99
CA LEU A 462 -24.28 6.38 -21.89
C LEU A 462 -24.60 7.82 -22.31
N ASP A 463 -25.39 8.50 -21.47
CA ASP A 463 -25.91 9.82 -21.77
C ASP A 463 -25.28 10.91 -20.91
N GLY A 464 -24.20 10.56 -20.22
CA GLY A 464 -23.48 11.50 -19.38
C GLY A 464 -24.15 11.82 -18.05
N SER A 465 -25.23 11.10 -17.73
CA SER A 465 -26.07 11.44 -16.58
C SER A 465 -25.62 10.84 -15.24
N HIS A 466 -24.67 9.90 -15.27
CA HIS A 466 -24.33 9.11 -14.08
C HIS A 466 -23.23 9.73 -13.25
N PRO A 467 -23.36 9.66 -11.92
CA PRO A 467 -22.25 10.02 -11.04
C PRO A 467 -21.15 8.98 -11.25
N ALA A 468 -19.89 9.40 -11.26
CA ALA A 468 -18.77 8.47 -11.43
C ALA A 468 -17.71 8.64 -10.37
N PHE A 469 -17.02 7.55 -10.06
CA PHE A 469 -15.97 7.55 -9.03
C PHE A 469 -14.75 6.95 -9.71
N LEU A 470 -13.77 7.81 -9.97
CA LEU A 470 -12.58 7.45 -10.73
C LEU A 470 -11.39 7.44 -9.80
N TYR A 471 -10.76 6.28 -9.70
CA TYR A 471 -9.65 6.06 -8.80
C TYR A 471 -8.34 5.88 -9.55
N GLY A 472 -7.27 6.43 -8.99
CA GLY A 472 -5.93 6.20 -9.52
C GLY A 472 -4.88 6.32 -8.43
N TYR A 473 -3.70 5.79 -8.73
CA TYR A 473 -2.54 5.92 -7.85
C TYR A 473 -1.37 6.47 -8.68
N GLY A 474 -0.75 5.62 -9.51
CA GLY A 474 0.26 6.05 -10.45
C GLY A 474 1.63 6.31 -9.85
N GLY A 475 2.27 5.25 -9.37
CA GLY A 475 3.62 5.42 -8.85
C GLY A 475 4.15 4.18 -8.18
N PHE A 476 5.45 4.22 -7.90
CA PHE A 476 6.10 3.25 -7.01
C PHE A 476 5.97 1.79 -7.47
N ASN A 477 5.79 1.60 -8.77
CA ASN A 477 5.71 0.27 -9.37
C ASN A 477 4.51 -0.52 -8.82
N ILE A 478 3.55 0.18 -8.23
CA ILE A 478 2.36 -0.49 -7.70
C ILE A 478 1.33 -0.69 -8.81
N SER A 479 0.87 -1.93 -8.99
CA SER A 479 -0.18 -2.21 -9.96
C SER A 479 -1.55 -2.19 -9.28
N ILE A 480 -2.48 -1.43 -9.86
CA ILE A 480 -3.82 -1.31 -9.27
C ILE A 480 -4.75 -2.30 -9.95
N THR A 481 -4.95 -3.44 -9.28
CA THR A 481 -5.65 -4.57 -9.87
C THR A 481 -7.04 -4.75 -9.25
N PRO A 482 -7.92 -5.51 -9.91
CA PRO A 482 -9.29 -5.69 -9.40
C PRO A 482 -9.32 -6.18 -7.96
N ASN A 483 -10.20 -5.57 -7.16
CA ASN A 483 -10.41 -5.98 -5.78
C ASN A 483 -11.87 -5.75 -5.40
N TYR A 484 -12.36 -6.53 -4.46
CA TYR A 484 -13.74 -6.42 -4.01
C TYR A 484 -13.92 -5.30 -3.00
N SER A 485 -14.71 -4.30 -3.38
CA SER A 485 -15.00 -3.16 -2.51
C SER A 485 -16.51 -3.01 -2.34
N VAL A 486 -17.00 -3.40 -1.17
CA VAL A 486 -18.40 -3.25 -0.81
C VAL A 486 -18.78 -1.76 -0.86
N SER A 487 -17.87 -0.91 -0.36
CA SER A 487 -18.14 0.52 -0.28
C SER A 487 -18.39 1.13 -1.66
N ARG A 488 -17.60 0.70 -2.64
CA ARG A 488 -17.76 1.20 -4.01
C ARG A 488 -18.99 0.62 -4.68
N LEU A 489 -19.31 -0.64 -4.37
CA LEU A 489 -20.52 -1.24 -4.94
C LEU A 489 -21.80 -0.59 -4.39
N ILE A 490 -21.74 -0.07 -3.16
CA ILE A 490 -22.89 0.68 -2.64
C ILE A 490 -23.08 1.97 -3.45
N PHE A 491 -21.98 2.63 -3.79
CA PHE A 491 -22.03 3.78 -4.69
C PHE A 491 -22.75 3.44 -6.00
N VAL A 492 -22.40 2.29 -6.59
CA VAL A 492 -23.07 1.84 -7.81
C VAL A 492 -24.55 1.55 -7.57
N ARG A 493 -24.85 0.68 -6.62
CA ARG A 493 -26.21 0.20 -6.39
C ARG A 493 -27.13 1.28 -5.80
N HIS A 494 -26.64 1.98 -4.78
CA HIS A 494 -27.49 2.86 -3.99
C HIS A 494 -27.32 4.35 -4.28
N MET A 495 -26.35 4.70 -5.12
CA MET A 495 -26.18 6.09 -5.55
C MET A 495 -26.15 6.20 -7.07
N GLY A 496 -26.42 5.08 -7.75
CA GLY A 496 -26.50 5.05 -9.22
C GLY A 496 -25.18 5.30 -9.93
N GLY A 497 -24.08 4.96 -9.26
CA GLY A 497 -22.76 5.37 -9.70
C GLY A 497 -22.08 4.46 -10.69
N VAL A 498 -21.07 5.01 -11.36
CA VAL A 498 -20.15 4.27 -12.23
C VAL A 498 -18.78 4.32 -11.56
N LEU A 499 -18.11 3.16 -11.49
CA LEU A 499 -16.75 3.09 -10.94
C LEU A 499 -15.76 2.99 -12.08
N ALA A 500 -14.59 3.61 -11.88
CA ALA A 500 -13.50 3.51 -12.84
C ALA A 500 -12.17 3.50 -12.10
N VAL A 501 -11.24 2.69 -12.61
CA VAL A 501 -9.88 2.63 -12.11
C VAL A 501 -8.94 2.79 -13.30
N ALA A 502 -8.13 3.85 -13.31
CA ALA A 502 -7.21 4.09 -14.42
C ALA A 502 -5.80 3.64 -14.09
N ASN A 503 -5.27 2.74 -14.92
CA ASN A 503 -3.95 2.16 -14.70
C ASN A 503 -2.83 3.02 -15.28
N ILE A 504 -2.74 4.24 -14.74
CA ILE A 504 -1.85 5.26 -15.27
C ILE A 504 -0.38 4.90 -15.04
N ARG A 505 0.50 5.58 -15.77
CA ARG A 505 1.94 5.32 -15.70
C ARG A 505 2.47 5.68 -14.32
N GLY A 506 3.66 5.17 -14.01
CA GLY A 506 4.19 5.21 -12.66
C GLY A 506 3.89 3.92 -11.92
N GLY A 507 2.76 3.28 -12.23
CA GLY A 507 2.47 1.95 -11.68
C GLY A 507 3.33 0.83 -12.25
N GLY A 508 3.04 -0.40 -11.82
CA GLY A 508 3.81 -1.54 -12.27
C GLY A 508 3.14 -2.38 -13.34
N GLU A 509 2.02 -1.91 -13.88
CA GLU A 509 1.13 -2.74 -14.71
C GLU A 509 1.83 -3.29 -15.94
N TYR A 510 2.70 -2.48 -16.55
CA TYR A 510 3.52 -2.93 -17.69
C TYR A 510 5.00 -2.85 -17.37
N GLY A 511 5.34 -3.26 -16.15
CA GLY A 511 6.74 -3.45 -15.77
C GLY A 511 7.48 -2.16 -15.48
N GLU A 512 8.81 -2.26 -15.45
CA GLU A 512 9.63 -1.13 -15.02
C GLU A 512 9.54 0.05 -16.01
N THR A 513 9.28 -0.23 -17.29
CA THR A 513 9.08 0.87 -18.25
C THR A 513 7.81 1.66 -17.96
N TRP A 514 6.77 0.97 -17.47
CA TRP A 514 5.55 1.65 -17.04
C TRP A 514 5.83 2.52 -15.82
N HIS A 515 6.61 1.98 -14.89
CA HIS A 515 6.97 2.70 -13.68
C HIS A 515 7.80 3.94 -14.06
N LYS A 516 8.84 3.76 -14.87
CA LYS A 516 9.69 4.87 -15.32
C LYS A 516 8.93 5.93 -16.14
N GLY A 517 7.82 5.52 -16.73
CA GLY A 517 6.97 6.44 -17.47
C GLY A 517 6.19 7.42 -16.62
N GLY A 518 6.23 7.25 -15.29
CA GLY A 518 5.50 8.11 -14.37
C GLY A 518 6.29 8.56 -13.15
N ILE A 519 7.59 8.78 -13.34
CA ILE A 519 8.46 9.25 -12.25
C ILE A 519 9.39 10.37 -12.72
N LEU A 520 9.97 11.06 -11.75
CA LEU A 520 11.07 11.98 -11.99
C LEU A 520 10.62 13.07 -12.97
N ALA A 521 11.39 13.31 -14.04
CA ALA A 521 11.01 14.33 -15.04
C ALA A 521 9.67 14.04 -15.69
N ASN A 522 9.26 12.79 -15.64
CA ASN A 522 8.04 12.34 -16.33
C ASN A 522 6.84 12.13 -15.42
N LYS A 523 6.89 12.67 -14.21
CA LYS A 523 5.77 12.55 -13.28
C LYS A 523 4.49 13.16 -13.84
N GLN A 524 4.64 14.22 -14.62
CA GLN A 524 3.50 14.86 -15.28
C GLN A 524 2.70 13.87 -16.13
N ASN A 525 3.37 12.83 -16.66
CA ASN A 525 2.65 11.75 -17.35
C ASN A 525 1.50 11.17 -16.54
N CYS A 526 1.70 10.98 -15.23
CA CYS A 526 0.63 10.44 -14.38
C CYS A 526 -0.60 11.33 -14.40
N PHE A 527 -0.38 12.64 -14.25
CA PHE A 527 -1.48 13.59 -14.14
C PHE A 527 -2.20 13.69 -15.48
N ASP A 528 -1.42 13.69 -16.57
CA ASP A 528 -1.96 13.70 -17.93
C ASP A 528 -2.78 12.44 -18.21
N ASP A 529 -2.25 11.28 -17.82
CA ASP A 529 -2.97 10.01 -17.99
C ASP A 529 -4.30 10.04 -17.25
N PHE A 530 -4.28 10.54 -16.01
CA PHE A 530 -5.48 10.58 -15.18
C PHE A 530 -6.53 11.56 -15.70
N GLN A 531 -6.08 12.72 -16.15
CA GLN A 531 -6.98 13.70 -16.76
C GLN A 531 -7.61 13.15 -18.04
N CYS A 532 -6.82 12.42 -18.81
CA CYS A 532 -7.33 11.78 -20.03
C CYS A 532 -8.34 10.67 -19.72
N ALA A 533 -8.15 9.97 -18.60
CA ALA A 533 -9.16 9.00 -18.15
C ALA A 533 -10.50 9.69 -17.89
N ALA A 534 -10.46 10.79 -17.15
CA ALA A 534 -11.65 11.59 -16.88
C ALA A 534 -12.32 12.03 -18.18
N GLU A 535 -11.52 12.54 -19.11
CA GLU A 535 -12.02 12.99 -20.42
C GLU A 535 -12.65 11.83 -21.20
N TYR A 536 -12.07 10.64 -21.09
CA TYR A 536 -12.64 9.46 -21.72
C TYR A 536 -14.03 9.16 -21.16
N LEU A 537 -14.16 9.10 -19.84
CA LEU A 537 -15.45 8.81 -19.21
C LEU A 537 -16.51 9.84 -19.62
N ILE A 538 -16.10 11.09 -19.75
CA ILE A 538 -17.01 12.16 -20.16
C ILE A 538 -17.38 12.01 -21.63
N LYS A 539 -16.37 11.88 -22.49
CA LYS A 539 -16.60 11.81 -23.94
C LYS A 539 -17.50 10.65 -24.31
N GLU A 540 -17.29 9.51 -23.64
CA GLU A 540 -18.01 8.28 -23.95
C GLU A 540 -19.37 8.17 -23.27
N GLY A 541 -19.68 9.15 -22.43
CA GLY A 541 -21.02 9.27 -21.87
C GLY A 541 -21.28 8.57 -20.57
N TYR A 542 -20.22 8.13 -19.89
CA TYR A 542 -20.37 7.51 -18.59
C TYR A 542 -20.78 8.53 -17.53
N THR A 543 -20.32 9.76 -17.71
CA THR A 543 -20.49 10.79 -16.70
C THR A 543 -20.31 12.18 -17.32
N SER A 544 -20.31 13.19 -16.47
CA SER A 544 -20.09 14.58 -16.88
C SER A 544 -19.23 15.20 -15.79
N PRO A 545 -18.50 16.27 -16.11
CA PRO A 545 -17.58 16.89 -15.13
C PRO A 545 -18.23 17.14 -13.78
N LYS A 546 -19.41 17.75 -13.78
CA LYS A 546 -20.10 18.10 -12.54
C LYS A 546 -20.51 16.90 -11.71
N ARG A 547 -20.55 15.72 -12.32
CA ARG A 547 -20.95 14.48 -11.63
C ARG A 547 -19.76 13.56 -11.35
N LEU A 548 -18.56 13.99 -11.67
CA LEU A 548 -17.38 13.14 -11.53
C LEU A 548 -16.59 13.40 -10.25
N THR A 549 -16.39 12.33 -9.49
CA THR A 549 -15.51 12.34 -8.32
C THR A 549 -14.23 11.60 -8.65
N ILE A 550 -13.11 12.19 -8.25
CA ILE A 550 -11.82 11.48 -8.28
C ILE A 550 -11.27 11.28 -6.87
N ASN A 551 -10.57 10.17 -6.70
CA ASN A 551 -10.09 9.71 -5.43
C ASN A 551 -8.73 9.05 -5.59
N GLY A 552 -7.86 9.28 -4.61
CA GLY A 552 -6.58 8.60 -4.53
C GLY A 552 -6.05 8.79 -3.14
N GLY A 553 -5.14 7.91 -2.73
CA GLY A 553 -4.53 7.98 -1.42
C GLY A 553 -3.01 8.02 -1.52
N ALA A 554 -2.39 8.84 -0.67
CA ALA A 554 -0.94 8.98 -0.55
C ALA A 554 -0.33 9.55 -1.82
N ASN A 555 0.46 8.76 -2.54
CA ASN A 555 0.86 9.15 -3.89
C ASN A 555 -0.38 9.39 -4.76
N GLY A 556 -1.46 8.66 -4.47
CA GLY A 556 -2.74 8.90 -5.13
C GLY A 556 -3.44 10.17 -4.66
N GLY A 557 -3.17 10.58 -3.43
CA GLY A 557 -3.66 11.86 -2.93
C GLY A 557 -2.96 13.01 -3.66
N LEU A 558 -1.67 12.87 -3.91
CA LEU A 558 -0.93 13.81 -4.75
C LEU A 558 -1.56 13.86 -6.14
N LEU A 559 -1.90 12.68 -6.67
CA LEU A 559 -2.48 12.59 -8.01
C LEU A 559 -3.74 13.44 -8.13
N VAL A 560 -4.70 13.24 -7.23
CA VAL A 560 -5.98 13.95 -7.36
C VAL A 560 -5.88 15.43 -7.02
N ALA A 561 -4.99 15.77 -6.07
CA ALA A 561 -4.82 17.18 -5.67
C ALA A 561 -4.21 17.98 -6.82
N THR A 562 -3.21 17.40 -7.46
CA THR A 562 -2.59 18.01 -8.64
C THR A 562 -3.62 18.16 -9.76
N CYS A 563 -4.42 17.13 -9.98
CA CYS A 563 -5.44 17.20 -11.04
C CYS A 563 -6.49 18.29 -10.75
N ALA A 564 -6.82 18.50 -9.48
CA ALA A 564 -7.70 19.60 -9.09
C ALA A 564 -7.10 20.97 -9.47
N ASN A 565 -5.80 21.15 -9.21
CA ASN A 565 -5.10 22.39 -9.59
C ASN A 565 -5.02 22.58 -11.10
N GLN A 566 -4.70 21.50 -11.81
CA GLN A 566 -4.43 21.58 -13.24
C GLN A 566 -5.68 21.63 -14.11
N ARG A 567 -6.70 20.89 -13.72
CA ARG A 567 -7.94 20.85 -14.46
C ARG A 567 -9.15 20.92 -13.54
N PRO A 568 -9.34 22.05 -12.84
CA PRO A 568 -10.49 22.17 -11.92
C PRO A 568 -11.84 22.01 -12.63
N ASP A 569 -11.85 22.33 -13.93
CA ASP A 569 -13.06 22.26 -14.75
C ASP A 569 -13.51 20.83 -15.05
N LEU A 570 -12.63 19.87 -14.81
CA LEU A 570 -12.89 18.48 -15.17
C LEU A 570 -13.64 17.67 -14.10
N PHE A 571 -13.61 18.14 -12.84
CA PHE A 571 -14.11 17.34 -11.72
C PHE A 571 -15.14 18.08 -10.88
N GLY A 572 -16.13 17.35 -10.36
CA GLY A 572 -17.10 17.93 -9.46
C GLY A 572 -16.63 17.80 -8.02
N CYS A 573 -15.92 16.71 -7.74
CA CYS A 573 -15.57 16.35 -6.37
C CYS A 573 -14.22 15.64 -6.33
N VAL A 574 -13.41 15.99 -5.33
CA VAL A 574 -12.10 15.38 -5.15
C VAL A 574 -11.95 14.93 -3.70
N ILE A 575 -11.62 13.65 -3.52
CA ILE A 575 -11.34 13.16 -2.17
C ILE A 575 -9.89 12.67 -2.18
N ALA A 576 -9.03 13.41 -1.47
CA ALA A 576 -7.62 13.08 -1.38
C ALA A 576 -7.32 12.54 0.01
N GLN A 577 -6.93 11.27 0.06
CA GLN A 577 -6.65 10.62 1.34
C GLN A 577 -5.15 10.62 1.56
N VAL A 578 -4.75 11.06 2.75
CA VAL A 578 -3.36 10.95 3.25
C VAL A 578 -2.30 11.33 2.20
N GLY A 579 -2.56 12.44 1.52
CA GLY A 579 -1.80 12.81 0.33
C GLY A 579 -0.49 13.54 0.59
N VAL A 580 0.46 13.31 -0.32
CA VAL A 580 1.73 14.03 -0.32
C VAL A 580 1.48 15.34 -1.07
N MET A 581 1.41 16.44 -0.32
CA MET A 581 0.99 17.72 -0.89
C MET A 581 2.13 18.70 -1.04
N ASP A 582 3.10 18.63 -0.13
CA ASP A 582 4.26 19.50 -0.19
C ASP A 582 5.41 18.75 -0.84
N MET A 583 5.52 18.88 -2.16
CA MET A 583 6.56 18.15 -2.90
C MET A 583 7.97 18.74 -2.72
N LEU A 584 8.06 19.91 -2.08
CA LEU A 584 9.36 20.52 -1.83
C LEU A 584 9.96 20.05 -0.52
N LYS A 585 9.12 19.63 0.41
CA LYS A 585 9.58 19.28 1.74
C LYS A 585 9.33 17.83 2.17
N PHE A 586 8.70 17.02 1.31
CA PHE A 586 8.30 15.66 1.69
C PHE A 586 9.46 14.81 2.22
N HIS A 587 10.65 15.01 1.65
CA HIS A 587 11.83 14.20 1.99
C HIS A 587 12.35 14.46 3.40
N LYS A 588 11.88 15.54 4.04
CA LYS A 588 12.39 15.94 5.37
C LYS A 588 11.84 15.14 6.55
N TYR A 589 10.71 14.47 6.33
CA TYR A 589 9.93 13.87 7.41
C TYR A 589 9.89 12.37 7.35
N THR A 590 9.87 11.76 8.54
CA THR A 590 9.87 10.30 8.74
C THR A 590 10.58 9.53 7.63
N ILE A 591 9.82 8.82 6.79
CA ILE A 591 10.41 7.95 5.77
C ILE A 591 10.34 8.58 4.38
N GLY A 592 9.90 9.83 4.31
CA GLY A 592 9.74 10.51 3.02
C GLY A 592 11.00 10.56 2.16
N HIS A 593 12.17 10.46 2.81
CA HIS A 593 13.43 10.45 2.07
C HIS A 593 13.51 9.29 1.08
N ALA A 594 12.74 8.23 1.36
CA ALA A 594 12.73 7.05 0.51
C ALA A 594 12.03 7.31 -0.82
N TRP A 595 11.17 8.33 -0.88
CA TRP A 595 10.34 8.52 -2.07
C TRP A 595 10.99 9.33 -3.18
N THR A 596 12.21 9.83 -2.94
CA THR A 596 12.91 10.62 -3.96
C THR A 596 13.24 9.83 -5.23
N THR A 597 13.22 8.50 -5.16
CA THR A 597 13.46 7.68 -6.35
C THR A 597 12.31 7.80 -7.36
N ASP A 598 11.11 8.13 -6.87
CA ASP A 598 9.96 8.38 -7.75
C ASP A 598 9.83 9.85 -8.08
N TYR A 599 10.10 10.72 -7.12
CA TYR A 599 9.78 12.14 -7.24
C TYR A 599 10.96 13.04 -7.60
N GLY A 600 12.17 12.64 -7.20
CA GLY A 600 13.30 13.56 -7.14
C GLY A 600 13.31 14.27 -5.79
N CYS A 601 14.26 15.17 -5.57
CA CYS A 601 14.40 15.91 -4.33
C CYS A 601 14.68 17.39 -4.61
N SER A 602 13.96 18.29 -3.93
CA SER A 602 14.10 19.72 -4.18
C SER A 602 15.51 20.27 -3.87
N ASP A 603 16.35 19.47 -3.22
CA ASP A 603 17.74 19.86 -2.97
C ASP A 603 18.54 19.98 -4.27
N SER A 604 18.07 19.26 -5.29
CA SER A 604 18.66 19.29 -6.61
C SER A 604 17.95 20.33 -7.46
N LYS A 605 18.72 21.19 -8.11
CA LYS A 605 18.15 22.22 -8.98
C LYS A 605 17.27 21.60 -10.08
N GLN A 606 17.78 20.56 -10.73
CA GLN A 606 17.01 19.89 -11.78
C GLN A 606 15.67 19.36 -11.29
N HIS A 607 15.69 18.71 -10.12
CA HIS A 607 14.49 18.09 -9.57
C HIS A 607 13.52 19.15 -9.10
N PHE A 608 14.03 20.19 -8.45
CA PHE A 608 13.20 21.31 -8.03
C PHE A 608 12.37 21.81 -9.20
N GLU A 609 12.99 21.92 -10.37
CA GLU A 609 12.28 22.45 -11.54
C GLU A 609 11.12 21.56 -12.02
N TRP A 610 11.21 20.24 -11.80
CA TRP A 610 10.08 19.35 -12.08
C TRP A 610 9.00 19.54 -11.02
N LEU A 611 9.45 19.60 -9.77
CA LEU A 611 8.57 19.49 -8.60
C LEU A 611 7.70 20.71 -8.45
N ILE A 612 8.30 21.88 -8.63
CA ILE A 612 7.60 23.15 -8.46
C ILE A 612 6.41 23.26 -9.42
N LYS A 613 6.49 22.56 -10.56
CA LYS A 613 5.44 22.67 -11.57
C LYS A 613 4.14 21.98 -11.18
N TYR A 614 4.23 20.97 -10.31
CA TYR A 614 3.05 20.18 -9.97
C TYR A 614 2.74 20.04 -8.48
N SER A 615 3.69 20.40 -7.61
CA SER A 615 3.47 20.34 -6.17
C SER A 615 2.10 20.93 -5.81
N PRO A 616 1.17 20.14 -5.26
CA PRO A 616 -0.16 20.68 -4.94
C PRO A 616 -0.10 21.93 -4.07
N LEU A 617 0.75 21.93 -3.05
CA LEU A 617 0.85 23.06 -2.13
C LEU A 617 1.28 24.35 -2.83
N HIS A 618 1.99 24.21 -3.95
CA HIS A 618 2.59 25.35 -4.62
C HIS A 618 1.90 25.75 -5.93
N ASN A 619 0.78 25.11 -6.23
CA ASN A 619 0.03 25.39 -7.46
C ASN A 619 -1.45 25.67 -7.26
N VAL A 620 -1.82 26.10 -6.07
CA VAL A 620 -3.18 26.54 -5.80
C VAL A 620 -3.34 27.91 -6.44
N LYS A 621 -4.29 28.01 -7.36
CA LYS A 621 -4.45 29.23 -8.14
C LYS A 621 -5.89 29.32 -8.60
N LEU A 622 -6.49 30.49 -8.41
CA LEU A 622 -7.86 30.72 -8.88
C LEU A 622 -7.95 30.43 -10.38
N PRO A 623 -8.97 29.67 -10.79
CA PRO A 623 -9.19 29.43 -12.22
C PRO A 623 -9.43 30.77 -12.91
N GLU A 624 -8.86 30.94 -14.10
CA GLU A 624 -8.91 32.23 -14.79
C GLU A 624 -10.34 32.63 -15.14
N ALA A 625 -11.09 31.67 -15.68
CA ALA A 625 -12.44 31.89 -16.18
C ALA A 625 -13.45 32.11 -15.06
N ASP A 626 -14.32 33.11 -15.26
CA ASP A 626 -15.35 33.44 -14.28
C ASP A 626 -16.28 32.27 -13.97
N ASP A 627 -16.52 31.42 -14.96
CA ASP A 627 -17.47 30.32 -14.81
C ASP A 627 -16.87 29.03 -14.24
N ILE A 628 -15.58 29.07 -13.91
CA ILE A 628 -14.87 27.91 -13.36
C ILE A 628 -14.39 28.17 -11.94
N GLN A 629 -14.74 27.26 -11.03
CA GLN A 629 -14.25 27.26 -9.65
C GLN A 629 -13.54 25.94 -9.38
N TYR A 630 -13.01 25.80 -8.17
CA TYR A 630 -12.43 24.53 -7.77
C TYR A 630 -13.56 23.54 -7.48
N PRO A 631 -13.31 22.26 -7.75
CA PRO A 631 -14.25 21.21 -7.35
C PRO A 631 -14.40 21.23 -5.85
N SER A 632 -15.45 20.60 -5.34
CA SER A 632 -15.56 20.33 -3.91
C SER A 632 -14.39 19.43 -3.55
N MET A 633 -13.71 19.72 -2.44
CA MET A 633 -12.55 18.94 -2.06
C MET A 633 -12.63 18.51 -0.60
N LEU A 634 -12.32 17.24 -0.36
CA LEU A 634 -12.24 16.71 1.00
C LEU A 634 -10.89 16.05 1.15
N LEU A 635 -10.13 16.53 2.13
CA LEU A 635 -8.87 15.88 2.47
C LEU A 635 -9.08 15.06 3.73
N LEU A 636 -8.64 13.80 3.68
CA LEU A 636 -8.69 12.94 4.86
C LEU A 636 -7.28 12.60 5.31
N THR A 637 -7.00 12.84 6.58
CA THR A 637 -5.75 12.39 7.16
C THR A 637 -5.99 12.01 8.62
N ALA A 638 -4.93 11.66 9.35
CA ALA A 638 -5.06 11.23 10.72
C ALA A 638 -3.81 11.61 11.48
N ASP A 639 -3.96 11.80 12.79
CA ASP A 639 -2.86 12.36 13.59
C ASP A 639 -1.69 11.41 13.87
N HIS A 640 -1.86 10.11 13.62
CA HIS A 640 -0.72 9.19 13.70
C HIS A 640 -0.28 8.69 12.32
N ASP A 641 -0.61 9.41 11.25
CA ASP A 641 -0.08 9.06 9.95
C ASP A 641 1.38 9.47 9.84
N ASP A 642 2.25 8.58 10.31
CA ASP A 642 3.68 8.84 10.24
C ASP A 642 4.30 8.33 8.93
N ARG A 643 3.47 7.82 8.01
CA ARG A 643 3.97 7.51 6.67
C ARG A 643 4.01 8.80 5.85
N VAL A 644 2.85 9.42 5.71
CA VAL A 644 2.73 10.76 5.10
C VAL A 644 2.26 11.72 6.18
N VAL A 645 3.20 12.47 6.75
CA VAL A 645 2.92 13.27 7.94
C VAL A 645 1.78 14.26 7.64
N PRO A 646 0.83 14.38 8.56
CA PRO A 646 -0.40 15.14 8.27
C PRO A 646 -0.20 16.62 7.91
N LEU A 647 0.94 17.21 8.26
CA LEU A 647 1.27 18.58 7.87
C LEU A 647 1.04 18.83 6.37
N HIS A 648 1.22 17.79 5.56
CA HIS A 648 0.95 17.88 4.12
C HIS A 648 -0.47 18.36 3.85
N SER A 649 -1.45 17.68 4.45
CA SER A 649 -2.85 18.04 4.26
C SER A 649 -3.22 19.31 5.01
N LEU A 650 -2.62 19.52 6.18
CA LEU A 650 -2.89 20.74 6.96
C LEU A 650 -2.50 21.99 6.19
N LYS A 651 -1.26 22.03 5.71
CA LYS A 651 -0.79 23.17 4.93
C LYS A 651 -1.59 23.33 3.65
N PHE A 652 -1.89 22.21 2.98
CA PHE A 652 -2.65 22.26 1.74
C PHE A 652 -4.06 22.83 1.95
N ILE A 653 -4.75 22.40 3.01
CA ILE A 653 -6.12 22.91 3.22
C ILE A 653 -6.13 24.39 3.61
N ALA A 654 -5.13 24.82 4.38
CA ALA A 654 -5.03 26.23 4.75
C ALA A 654 -4.87 27.08 3.48
N THR A 655 -4.09 26.57 2.53
CA THR A 655 -3.81 27.25 1.28
C THR A 655 -5.05 27.29 0.38
N LEU A 656 -5.71 26.15 0.23
CA LEU A 656 -6.95 26.07 -0.54
C LEU A 656 -7.98 27.04 0.04
N GLN A 657 -8.16 27.00 1.35
CA GLN A 657 -9.17 27.86 1.98
C GLN A 657 -8.87 29.34 1.84
N TYR A 658 -7.59 29.70 1.90
CA TYR A 658 -7.22 31.10 1.77
C TYR A 658 -7.25 31.60 0.31
N ILE A 659 -6.57 30.89 -0.59
CA ILE A 659 -6.49 31.33 -1.99
C ILE A 659 -7.81 31.19 -2.74
N VAL A 660 -8.45 30.01 -2.60
CA VAL A 660 -9.62 29.70 -3.40
C VAL A 660 -10.90 29.91 -2.59
N GLY A 661 -10.89 29.46 -1.34
CA GLY A 661 -12.05 29.54 -0.47
C GLY A 661 -12.56 30.96 -0.21
N ARG A 662 -11.66 31.94 -0.19
CA ARG A 662 -12.03 33.34 0.04
C ARG A 662 -12.68 34.00 -1.18
N SER A 663 -12.56 33.37 -2.35
CA SER A 663 -13.04 34.00 -3.57
C SER A 663 -14.57 33.92 -3.65
N ARG A 664 -15.19 34.98 -4.14
CA ARG A 664 -16.64 35.06 -4.23
C ARG A 664 -17.27 33.93 -5.04
N LYS A 665 -16.63 33.56 -6.16
CA LYS A 665 -17.17 32.55 -7.08
C LYS A 665 -17.06 31.12 -6.56
N GLN A 666 -16.26 30.93 -5.51
CA GLN A 666 -16.11 29.61 -4.90
C GLN A 666 -17.27 29.30 -3.94
N ASN A 667 -18.11 28.37 -4.37
CA ASN A 667 -19.22 27.88 -3.57
C ASN A 667 -19.10 26.39 -3.23
N ASN A 668 -18.13 25.71 -3.84
CA ASN A 668 -17.84 24.32 -3.49
C ASN A 668 -16.95 24.29 -2.25
N PRO A 669 -17.29 23.44 -1.27
CA PRO A 669 -16.53 23.40 -0.01
C PRO A 669 -15.13 22.81 -0.18
N LEU A 670 -14.22 23.26 0.66
CA LEU A 670 -12.84 22.78 0.68
C LEU A 670 -12.56 22.44 2.12
N LEU A 671 -12.55 21.13 2.43
CA LEU A 671 -12.62 20.68 3.81
C LEU A 671 -11.56 19.64 4.13
N ILE A 672 -11.18 19.57 5.39
CA ILE A 672 -10.31 18.51 5.88
C ILE A 672 -10.96 17.82 7.08
N HIS A 673 -10.73 16.52 7.18
CA HIS A 673 -11.04 15.79 8.39
C HIS A 673 -9.76 15.12 8.89
N VAL A 674 -9.43 15.36 10.15
CA VAL A 674 -8.25 14.75 10.75
C VAL A 674 -8.74 13.78 11.83
N ASP A 675 -8.60 12.49 11.57
CA ASP A 675 -9.01 11.47 12.52
C ASP A 675 -8.00 11.31 13.67
N THR A 676 -8.44 10.71 14.77
CA THR A 676 -7.56 10.39 15.89
C THR A 676 -7.34 8.88 15.98
N LYS A 677 -6.23 8.49 16.60
CA LYS A 677 -5.85 7.09 16.83
C LYS A 677 -5.86 6.28 15.52
N ALA A 678 -5.49 6.96 14.44
CA ALA A 678 -5.38 6.33 13.13
C ALA A 678 -4.17 6.91 12.42
N GLY A 679 -3.70 6.20 11.40
CA GLY A 679 -2.55 6.63 10.64
C GLY A 679 -2.79 6.49 9.15
N HIS A 680 -1.77 6.00 8.45
CA HIS A 680 -1.80 5.98 7.00
C HIS A 680 -2.93 5.11 6.48
N GLY A 681 -3.24 4.04 7.21
CA GLY A 681 -4.38 3.21 6.87
C GLY A 681 -4.28 1.72 7.16
N ALA A 682 -3.09 1.16 7.08
CA ALA A 682 -2.90 -0.26 7.35
C ALA A 682 -3.28 -0.52 8.81
N GLY A 683 -4.03 -1.59 9.05
CA GLY A 683 -4.44 -1.93 10.40
C GLY A 683 -5.60 -1.13 10.97
N LYS A 684 -6.17 -0.23 10.18
CA LYS A 684 -7.33 0.56 10.60
C LYS A 684 -8.49 -0.38 10.95
N PRO A 685 -9.08 -0.23 12.15
CA PRO A 685 -10.19 -1.10 12.54
C PRO A 685 -11.43 -0.91 11.67
N THR A 686 -12.19 -1.99 11.54
CA THR A 686 -13.42 -2.00 10.75
C THR A 686 -14.34 -0.81 11.05
N ALA A 687 -14.49 -0.48 12.33
CA ALA A 687 -15.41 0.59 12.71
C ALA A 687 -14.96 1.91 12.07
N LYS A 688 -13.66 2.17 12.06
CA LYS A 688 -13.11 3.37 11.43
C LYS A 688 -13.22 3.36 9.90
N VAL A 689 -12.97 2.19 9.31
CA VAL A 689 -13.13 2.04 7.86
C VAL A 689 -14.56 2.41 7.45
N ILE A 690 -15.54 1.91 8.22
CA ILE A 690 -16.95 2.19 7.93
C ILE A 690 -17.27 3.68 8.04
N GLU A 691 -16.79 4.33 9.13
CA GLU A 691 -16.96 5.77 9.30
C GLU A 691 -16.36 6.52 8.12
N GLU A 692 -15.17 6.09 7.68
CA GLU A 692 -14.46 6.79 6.63
C GLU A 692 -15.17 6.75 5.28
N VAL A 693 -15.63 5.57 4.87
CA VAL A 693 -16.36 5.47 3.60
C VAL A 693 -17.71 6.18 3.69
N SER A 694 -18.33 6.14 4.86
CA SER A 694 -19.59 6.86 5.09
C SER A 694 -19.35 8.37 4.92
N ASP A 695 -18.23 8.85 5.45
CA ASP A 695 -17.83 10.25 5.29
C ASP A 695 -17.62 10.59 3.81
N MET A 696 -16.88 9.74 3.13
CA MET A 696 -16.54 9.94 1.73
C MET A 696 -17.76 10.05 0.83
N PHE A 697 -18.67 9.10 0.95
CA PHE A 697 -19.82 9.11 0.04
C PHE A 697 -20.92 10.08 0.45
N ALA A 698 -20.95 10.44 1.74
CA ALA A 698 -21.81 11.52 2.20
C ALA A 698 -21.34 12.84 1.62
N PHE A 699 -20.01 13.03 1.59
CA PHE A 699 -19.43 14.20 0.96
C PHE A 699 -19.84 14.31 -0.51
N ILE A 700 -19.62 13.23 -1.25
CA ILE A 700 -20.03 13.16 -2.66
C ILE A 700 -21.53 13.43 -2.83
N ALA A 701 -22.35 12.78 -2.01
CA ALA A 701 -23.79 12.92 -2.10
C ALA A 701 -24.26 14.36 -1.86
N ARG A 702 -23.65 15.03 -0.87
CA ARG A 702 -24.05 16.40 -0.55
C ARG A 702 -23.60 17.36 -1.65
N CYS A 703 -22.34 17.23 -2.08
CA CYS A 703 -21.74 18.15 -3.05
C CYS A 703 -22.35 18.04 -4.44
N LEU A 704 -22.70 16.82 -4.84
CA LEU A 704 -23.31 16.59 -6.15
C LEU A 704 -24.83 16.43 -6.10
N ASN A 705 -25.39 16.56 -4.89
CA ASN A 705 -26.83 16.43 -4.64
C ASN A 705 -27.40 15.13 -5.21
N ILE A 706 -26.83 14.00 -4.77
CA ILE A 706 -27.30 12.68 -5.21
C ILE A 706 -28.31 12.09 -4.24
N ASP A 707 -29.44 11.63 -4.79
CA ASP A 707 -30.45 10.93 -4.01
C ASP A 707 -30.04 9.49 -3.74
N TRP A 708 -30.33 9.03 -2.53
CA TRP A 708 -30.20 7.61 -2.19
C TRP A 708 -31.19 6.80 -2.98
N ILE A 709 -30.74 5.68 -3.53
CA ILE A 709 -31.64 4.74 -4.19
C ILE A 709 -31.74 3.49 -3.31
N PRO A 710 -32.89 3.30 -2.65
CA PRO A 710 -33.08 2.21 -1.68
C PRO A 710 -32.87 0.83 -2.27
N GLY B 1 7.58 -2.16 2.97
CA GLY B 1 6.45 -1.28 2.58
C GLY B 1 6.51 0.11 3.21
N PHE B 2 7.30 0.99 2.61
CA PHE B 2 7.46 2.35 3.12
C PHE B 2 7.18 3.41 2.05
N GLU B 3 6.52 2.98 0.98
CA GLU B 3 6.06 3.90 -0.05
C GLU B 3 4.88 4.70 0.50
N PRO B 4 4.58 5.85 -0.10
CA PRO B 4 3.40 6.61 0.31
C PRO B 4 2.20 5.97 -0.36
#